data_1WY2
#
_entry.id   1WY2
#
_cell.length_a   66.697
_cell.length_b   105.876
_cell.length_c   106.291
_cell.angle_alpha   90.00
_cell.angle_beta   90.00
_cell.angle_gamma   90.00
#
_symmetry.space_group_name_H-M   'P 21 21 21'
#
loop_
_entity.id
_entity.type
_entity.pdbx_description
1 polymer 'Xaa-Pro dipeptidase'
2 non-polymer 'CACODYLATE ION'
3 non-polymer 'ZINC ION'
4 non-polymer 'MAGNESIUM ION'
5 non-polymer GLYCEROL
6 water water
#
_entity_poly.entity_id   1
_entity_poly.type   'polypeptide(L)'
_entity_poly.pdbx_seq_one_letter_code
;MDIMNEKVKKIIEFMDKNSIDAVLIAKNPNVYYISGASPLAGGYILITGESATLYVPELEYEMAKEESNIPVEKFKKMDE
FYKALEGIKSLGIESSLPYGFIEELKKKANIKEFKKVDDVIRDMRIIKSEKEIKIIEKACEIADKAVMAAIEEITEGKKE
REVAAKVEYLMKMNGAEKPAFDTIIASGYRSALPHGVASDKRIERGDLVVIDLGALYQHYNSDITRTIVVGSPNEKQKEI
YEIVLEAQKKAVESAKPGITAKELDSIARNIIAEYGYGEYFNHSLGHGVGLEVHEWPRVSQYDETVLREGMVITIEPGIY
IPKIGGVRIEDTILITKNGSKRLTKTERELI
;
_entity_poly.pdbx_strand_id   A,B
#
# COMPACT_ATOMS: atom_id res chain seq x y z
N MET A 1 -30.80 15.35 16.50
CA MET A 1 -30.15 14.74 15.31
C MET A 1 -28.97 15.60 14.84
N ASP A 2 -28.12 15.01 14.01
CA ASP A 2 -26.95 15.70 13.46
C ASP A 2 -27.29 16.27 12.09
N ILE A 3 -26.61 17.36 11.73
CA ILE A 3 -26.75 17.94 10.40
C ILE A 3 -25.65 17.17 9.68
N MET A 4 -26.03 16.31 8.76
CA MET A 4 -25.07 15.47 8.04
C MET A 4 -24.94 15.82 6.56
N ASN A 5 -23.75 15.58 5.99
CA ASN A 5 -23.52 15.91 4.60
C ASN A 5 -24.28 14.99 3.65
N GLU A 6 -24.32 15.34 2.36
CA GLU A 6 -25.08 14.54 1.41
C GLU A 6 -24.57 13.12 1.18
N LYS A 7 -23.28 12.89 1.39
CA LYS A 7 -22.74 11.54 1.20
C LYS A 7 -23.27 10.64 2.30
N VAL A 8 -23.28 11.17 3.53
CA VAL A 8 -23.79 10.43 4.68
C VAL A 8 -25.27 10.14 4.46
N LYS A 9 -26.00 11.13 3.95
CA LYS A 9 -27.43 10.95 3.72
C LYS A 9 -27.72 9.92 2.64
N LYS A 10 -26.85 9.82 1.65
CA LYS A 10 -27.06 8.83 0.60
C LYS A 10 -26.89 7.44 1.20
N ILE A 11 -25.97 7.32 2.15
CA ILE A 11 -25.76 6.04 2.81
C ILE A 11 -26.97 5.73 3.70
N ILE A 12 -27.50 6.74 4.38
CA ILE A 12 -28.66 6.52 5.23
C ILE A 12 -29.85 6.05 4.38
N GLU A 13 -29.99 6.60 3.18
CA GLU A 13 -31.08 6.21 2.29
C GLU A 13 -30.94 4.72 1.97
N PHE A 14 -29.74 4.32 1.58
CA PHE A 14 -29.46 2.93 1.25
C PHE A 14 -29.77 2.05 2.46
N MET A 15 -29.37 2.51 3.64
CA MET A 15 -29.60 1.77 4.88
C MET A 15 -31.08 1.47 5.09
N ASP A 16 -31.92 2.50 4.98
CA ASP A 16 -33.35 2.31 5.20
C ASP A 16 -33.98 1.36 4.19
N LYS A 17 -33.61 1.52 2.93
CA LYS A 17 -34.15 0.68 1.88
C LYS A 17 -33.69 -0.77 1.94
N ASN A 18 -32.59 -1.02 2.65
CA ASN A 18 -32.05 -2.37 2.75
C ASN A 18 -32.15 -2.95 4.17
N SER A 19 -32.98 -2.32 5.00
CA SER A 19 -33.19 -2.76 6.38
C SER A 19 -31.87 -2.89 7.15
N ILE A 20 -31.02 -1.89 7.03
CA ILE A 20 -29.74 -1.89 7.74
C ILE A 20 -29.85 -0.87 8.88
N ASP A 21 -29.41 -1.26 10.06
CA ASP A 21 -29.49 -0.39 11.24
C ASP A 21 -28.37 0.63 11.36
N ALA A 22 -27.17 0.27 10.93
CA ALA A 22 -26.04 1.18 11.00
C ALA A 22 -25.00 0.77 9.96
N VAL A 23 -24.13 1.71 9.59
CA VAL A 23 -23.08 1.44 8.63
C VAL A 23 -21.72 1.81 9.20
N LEU A 24 -20.73 0.95 8.95
CA LEU A 24 -19.38 1.18 9.41
C LEU A 24 -18.46 1.37 8.20
N ILE A 25 -17.75 2.50 8.16
CA ILE A 25 -16.82 2.80 7.07
C ILE A 25 -15.41 2.82 7.66
N ALA A 26 -14.52 1.97 7.15
CA ALA A 26 -13.16 1.89 7.68
C ALA A 26 -12.01 2.02 6.67
N LYS A 27 -12.29 1.83 5.38
CA LYS A 27 -11.22 1.94 4.39
C LYS A 27 -10.83 3.41 4.21
N ASN A 28 -9.53 3.68 4.29
CA ASN A 28 -9.00 5.04 4.18
C ASN A 28 -9.61 5.94 3.12
N PRO A 29 -9.65 5.48 1.85
CA PRO A 29 -10.24 6.34 0.83
C PRO A 29 -11.70 6.70 1.11
N ASN A 30 -12.45 5.75 1.64
CA ASN A 30 -13.87 6.00 1.95
C ASN A 30 -14.02 6.91 3.16
N VAL A 31 -13.15 6.76 4.15
CA VAL A 31 -13.22 7.62 5.32
C VAL A 31 -12.96 9.06 4.89
N TYR A 32 -11.99 9.24 3.99
CA TYR A 32 -11.66 10.57 3.50
C TYR A 32 -12.80 11.11 2.65
N TYR A 33 -13.33 10.26 1.77
CA TYR A 33 -14.41 10.67 0.88
C TYR A 33 -15.61 11.21 1.65
N ILE A 34 -15.97 10.51 2.72
CA ILE A 34 -17.13 10.89 3.53
C ILE A 34 -16.90 11.97 4.59
N SER A 35 -15.76 11.93 5.28
CA SER A 35 -15.50 12.90 6.35
C SER A 35 -14.46 13.98 6.04
N GLY A 36 -13.58 13.71 5.09
CA GLY A 36 -12.55 14.67 4.77
C GLY A 36 -11.31 14.46 5.64
N ALA A 37 -11.40 13.51 6.56
CA ALA A 37 -10.31 13.20 7.47
C ALA A 37 -9.44 12.07 6.92
N SER A 38 -8.16 12.04 7.32
CA SER A 38 -7.25 11.00 6.85
C SER A 38 -6.50 10.33 8.00
N PRO A 39 -7.23 9.67 8.92
CA PRO A 39 -6.56 9.02 10.04
C PRO A 39 -5.63 7.90 9.56
N LEU A 40 -4.33 8.12 9.71
CA LEU A 40 -3.31 7.14 9.32
C LEU A 40 -3.52 5.82 10.05
N ALA A 41 -3.72 5.95 11.37
CA ALA A 41 -4.12 4.79 12.14
C ALA A 41 -5.57 4.42 11.79
N GLY A 42 -6.23 3.73 12.72
CA GLY A 42 -7.54 3.17 12.38
C GLY A 42 -8.74 4.08 12.65
N GLY A 43 -9.20 4.75 11.57
CA GLY A 43 -10.38 5.59 11.68
C GLY A 43 -11.65 4.84 11.27
N TYR A 44 -12.73 5.00 12.02
CA TYR A 44 -13.96 4.30 11.73
C TYR A 44 -15.16 5.25 11.80
N ILE A 45 -15.92 5.32 10.72
CA ILE A 45 -17.10 6.17 10.70
C ILE A 45 -18.33 5.30 10.96
N LEU A 46 -19.14 5.68 11.94
CA LEU A 46 -20.35 4.93 12.24
C LEU A 46 -21.53 5.82 11.88
N ILE A 47 -22.37 5.34 10.98
CA ILE A 47 -23.53 6.10 10.53
C ILE A 47 -24.83 5.43 10.98
N THR A 48 -25.69 6.21 11.63
CA THR A 48 -27.00 5.72 12.07
C THR A 48 -28.03 6.60 11.37
N GLY A 49 -29.31 6.30 11.59
CA GLY A 49 -30.35 7.09 10.93
C GLY A 49 -30.36 8.57 11.21
N GLU A 50 -29.80 8.98 12.34
CA GLU A 50 -29.81 10.40 12.71
C GLU A 50 -28.45 10.95 13.12
N SER A 51 -27.38 10.19 12.90
CA SER A 51 -26.06 10.65 13.30
C SER A 51 -24.92 10.02 12.50
N ALA A 52 -23.78 10.69 12.50
CA ALA A 52 -22.58 10.21 11.83
C ALA A 52 -21.41 10.61 12.73
N THR A 53 -20.62 9.64 13.15
CA THR A 53 -19.48 9.89 14.02
C THR A 53 -18.20 9.24 13.54
N LEU A 54 -17.09 9.96 13.66
CA LEU A 54 -15.79 9.42 13.27
C LEU A 54 -15.02 9.06 14.54
N TYR A 55 -14.78 7.78 14.75
CA TYR A 55 -14.03 7.32 15.91
C TYR A 55 -12.58 7.08 15.53
N VAL A 56 -11.66 7.62 16.32
CA VAL A 56 -10.24 7.46 16.02
C VAL A 56 -9.41 7.24 17.29
N PRO A 57 -8.23 6.64 17.14
CA PRO A 57 -7.34 6.40 18.29
C PRO A 57 -6.83 7.75 18.80
N GLU A 58 -6.35 7.79 20.03
CA GLU A 58 -5.83 9.02 20.61
C GLU A 58 -4.77 9.70 19.74
N LEU A 59 -3.89 8.89 19.15
CA LEU A 59 -2.83 9.42 18.30
C LEU A 59 -3.33 9.92 16.94
N GLU A 60 -4.65 10.15 16.84
CA GLU A 60 -5.24 10.61 15.60
C GLU A 60 -6.32 11.66 15.85
N TYR A 61 -6.76 11.75 17.09
CA TYR A 61 -7.82 12.67 17.49
C TYR A 61 -7.64 14.13 17.07
N GLU A 62 -6.57 14.75 17.52
CA GLU A 62 -6.32 16.15 17.21
C GLU A 62 -6.39 16.51 15.73
N MET A 63 -5.71 15.72 14.89
CA MET A 63 -5.72 16.00 13.47
C MET A 63 -7.08 15.72 12.84
N ALA A 64 -7.72 14.64 13.27
CA ALA A 64 -9.03 14.27 12.76
C ALA A 64 -10.03 15.37 13.09
N LYS A 65 -9.98 15.83 14.33
CA LYS A 65 -10.86 16.89 14.80
C LYS A 65 -10.73 18.13 13.93
N GLU A 66 -9.54 18.37 13.41
CA GLU A 66 -9.27 19.53 12.58
C GLU A 66 -9.70 19.40 11.12
N GLU A 67 -9.67 18.18 10.58
CA GLU A 67 -10.03 17.98 9.17
C GLU A 67 -11.40 17.36 8.90
N SER A 68 -11.96 16.67 9.89
CA SER A 68 -13.27 16.03 9.71
C SER A 68 -14.45 16.98 9.70
N ASN A 69 -15.41 16.72 8.80
CA ASN A 69 -16.60 17.54 8.71
C ASN A 69 -17.74 16.90 9.52
N ILE A 70 -17.41 15.83 10.24
CA ILE A 70 -18.38 15.16 11.09
C ILE A 70 -17.78 15.02 12.49
N PRO A 71 -18.64 14.95 13.53
CA PRO A 71 -18.19 14.83 14.91
C PRO A 71 -17.15 13.74 15.12
N VAL A 72 -16.07 14.08 15.83
CA VAL A 72 -15.00 13.13 16.09
C VAL A 72 -14.97 12.69 17.55
N GLU A 73 -14.87 11.38 17.76
CA GLU A 73 -14.79 10.79 19.10
C GLU A 73 -13.52 9.96 19.17
N LYS A 74 -12.77 10.11 20.25
CA LYS A 74 -11.54 9.35 20.40
C LYS A 74 -11.72 8.23 21.40
N PHE A 75 -10.93 7.17 21.25
CA PHE A 75 -10.98 6.02 22.15
C PHE A 75 -9.56 5.57 22.46
N LYS A 76 -9.37 5.02 23.66
CA LYS A 76 -8.05 4.56 24.08
C LYS A 76 -7.87 3.09 23.72
N LYS A 77 -8.95 2.32 23.85
CA LYS A 77 -8.90 0.90 23.55
C LYS A 77 -10.10 0.52 22.67
N MET A 78 -9.89 -0.44 21.77
CA MET A 78 -10.95 -0.88 20.86
C MET A 78 -12.23 -1.27 21.58
N ASP A 79 -12.13 -1.75 22.81
CA ASP A 79 -13.32 -2.14 23.57
C ASP A 79 -14.28 -0.96 23.67
N GLU A 80 -13.73 0.25 23.69
CA GLU A 80 -14.54 1.45 23.77
C GLU A 80 -15.32 1.62 22.47
N PHE A 81 -14.67 1.27 21.36
CA PHE A 81 -15.30 1.36 20.05
C PHE A 81 -16.44 0.37 19.93
N TYR A 82 -16.16 -0.89 20.27
CA TYR A 82 -17.16 -1.94 20.19
C TYR A 82 -18.37 -1.66 21.07
N LYS A 83 -18.14 -0.97 22.19
CA LYS A 83 -19.22 -0.64 23.10
C LYS A 83 -20.20 0.30 22.41
N ALA A 84 -19.67 1.19 21.58
CA ALA A 84 -20.49 2.15 20.85
C ALA A 84 -21.37 1.43 19.84
N LEU A 85 -20.91 0.28 19.37
CA LEU A 85 -21.63 -0.51 18.39
C LEU A 85 -22.68 -1.44 19.01
N GLU A 86 -22.61 -1.62 20.33
CA GLU A 86 -23.55 -2.49 21.04
C GLU A 86 -25.01 -2.09 20.78
N GLY A 87 -25.82 -3.07 20.39
CA GLY A 87 -27.22 -2.80 20.13
C GLY A 87 -27.59 -2.87 18.67
N ILE A 88 -26.60 -2.82 17.81
CA ILE A 88 -26.82 -2.88 16.36
C ILE A 88 -27.14 -4.30 15.92
N LYS A 89 -28.25 -4.46 15.20
CA LYS A 89 -28.66 -5.77 14.70
C LYS A 89 -28.04 -6.06 13.35
N SER A 90 -28.36 -5.22 12.37
CA SER A 90 -27.83 -5.38 11.02
C SER A 90 -26.85 -4.25 10.72
N LEU A 91 -25.59 -4.62 10.48
CA LEU A 91 -24.54 -3.64 10.19
C LEU A 91 -24.08 -3.67 8.74
N GLY A 92 -24.08 -2.50 8.10
CA GLY A 92 -23.64 -2.43 6.72
C GLY A 92 -22.14 -2.24 6.71
N ILE A 93 -21.42 -3.01 5.90
CA ILE A 93 -19.97 -2.91 5.84
C ILE A 93 -19.39 -2.94 4.43
N GLU A 94 -18.15 -2.49 4.30
CA GLU A 94 -17.45 -2.46 3.02
C GLU A 94 -16.96 -3.86 2.65
N SER A 95 -16.87 -4.14 1.37
CA SER A 95 -16.41 -5.45 0.91
C SER A 95 -14.94 -5.67 1.27
N SER A 96 -14.27 -4.62 1.71
CA SER A 96 -12.86 -4.69 2.08
C SER A 96 -12.61 -4.99 3.55
N LEU A 97 -13.66 -4.97 4.36
CA LEU A 97 -13.50 -5.23 5.79
C LEU A 97 -12.95 -6.63 6.02
N PRO A 98 -11.81 -6.75 6.73
CA PRO A 98 -11.17 -8.03 7.01
C PRO A 98 -11.89 -8.99 7.95
N TYR A 99 -11.68 -10.28 7.70
CA TYR A 99 -12.29 -11.37 8.48
C TYR A 99 -12.10 -11.21 9.99
N GLY A 100 -10.85 -10.98 10.41
CA GLY A 100 -10.55 -10.85 11.83
C GLY A 100 -11.36 -9.76 12.51
N PHE A 101 -11.51 -8.62 11.85
CA PHE A 101 -12.26 -7.51 12.41
C PHE A 101 -13.73 -7.85 12.53
N ILE A 102 -14.27 -8.52 11.51
CA ILE A 102 -15.68 -8.90 11.51
C ILE A 102 -15.98 -9.88 12.64
N GLU A 103 -15.04 -10.79 12.92
CA GLU A 103 -15.24 -11.75 14.00
C GLU A 103 -15.30 -11.01 15.33
N GLU A 104 -14.51 -9.96 15.47
CA GLU A 104 -14.50 -9.15 16.67
C GLU A 104 -15.88 -8.51 16.86
N LEU A 105 -16.39 -7.91 15.79
CA LEU A 105 -17.69 -7.25 15.82
C LEU A 105 -18.79 -8.22 16.24
N LYS A 106 -18.68 -9.46 15.77
CA LYS A 106 -19.67 -10.49 16.10
C LYS A 106 -19.70 -10.82 17.59
N LYS A 107 -18.51 -10.89 18.18
CA LYS A 107 -18.39 -11.23 19.59
C LYS A 107 -18.48 -10.07 20.57
N LYS A 108 -17.73 -9.01 20.32
CA LYS A 108 -17.71 -7.86 21.22
C LYS A 108 -18.84 -6.85 21.05
N ALA A 109 -19.37 -6.72 19.84
CA ALA A 109 -20.47 -5.79 19.58
C ALA A 109 -21.76 -6.57 19.42
N ASN A 110 -21.65 -7.89 19.40
CA ASN A 110 -22.77 -8.80 19.25
C ASN A 110 -23.59 -8.54 17.98
N ILE A 111 -22.91 -8.10 16.93
CA ILE A 111 -23.59 -7.83 15.66
C ILE A 111 -24.19 -9.13 15.14
N LYS A 112 -25.48 -9.07 14.79
CA LYS A 112 -26.19 -10.25 14.30
C LYS A 112 -26.06 -10.52 12.81
N GLU A 113 -26.21 -9.48 12.00
CA GLU A 113 -26.15 -9.63 10.55
C GLU A 113 -25.29 -8.56 9.89
N PHE A 114 -24.64 -8.93 8.78
CA PHE A 114 -23.82 -7.99 8.03
C PHE A 114 -24.35 -7.92 6.61
N LYS A 115 -24.31 -6.73 6.02
CA LYS A 115 -24.76 -6.54 4.66
C LYS A 115 -23.77 -5.63 3.93
N LYS A 116 -23.62 -5.85 2.63
CA LYS A 116 -22.70 -5.04 1.83
C LYS A 116 -23.27 -3.66 1.53
N VAL A 117 -22.43 -2.63 1.59
CA VAL A 117 -22.86 -1.28 1.26
C VAL A 117 -22.05 -0.79 0.07
N ASP A 118 -21.30 -1.71 -0.54
CA ASP A 118 -20.46 -1.43 -1.69
C ASP A 118 -21.21 -0.66 -2.79
N ASP A 119 -22.44 -1.06 -3.08
CA ASP A 119 -23.25 -0.41 -4.12
C ASP A 119 -23.43 1.09 -3.96
N VAL A 120 -23.68 1.55 -2.75
CA VAL A 120 -23.89 2.99 -2.54
C VAL A 120 -22.56 3.73 -2.56
N ILE A 121 -21.50 3.11 -2.05
CA ILE A 121 -20.19 3.75 -2.07
C ILE A 121 -19.78 3.91 -3.53
N ARG A 122 -20.00 2.85 -4.30
CA ARG A 122 -19.67 2.86 -5.73
C ARG A 122 -20.48 3.92 -6.48
N ASP A 123 -21.80 3.92 -6.27
CA ASP A 123 -22.65 4.87 -6.95
C ASP A 123 -22.21 6.32 -6.74
N MET A 124 -21.66 6.62 -5.56
CA MET A 124 -21.19 7.97 -5.29
C MET A 124 -19.82 8.25 -5.92
N ARG A 125 -18.84 7.41 -5.61
CA ARG A 125 -17.49 7.61 -6.10
C ARG A 125 -17.27 7.45 -7.60
N ILE A 126 -18.09 6.65 -8.25
CA ILE A 126 -17.96 6.40 -9.69
C ILE A 126 -18.22 7.63 -10.57
N ILE A 127 -18.95 8.60 -10.03
CA ILE A 127 -19.24 9.83 -10.76
C ILE A 127 -18.46 10.95 -10.09
N LYS A 128 -17.49 11.53 -10.80
CA LYS A 128 -16.68 12.60 -10.24
C LYS A 128 -17.32 13.98 -10.39
N SER A 129 -17.14 14.80 -9.36
CA SER A 129 -17.68 16.16 -9.36
C SER A 129 -16.69 17.03 -10.14
N GLU A 130 -17.11 18.23 -10.50
CA GLU A 130 -16.23 19.14 -11.23
C GLU A 130 -14.97 19.38 -10.40
N LYS A 131 -15.13 19.45 -9.09
CA LYS A 131 -14.02 19.68 -8.18
C LYS A 131 -13.03 18.52 -8.22
N GLU A 132 -13.54 17.29 -8.21
CA GLU A 132 -12.68 16.11 -8.24
C GLU A 132 -11.95 16.00 -9.57
N ILE A 133 -12.66 16.32 -10.66
CA ILE A 133 -12.08 16.25 -11.99
C ILE A 133 -10.88 17.19 -12.12
N LYS A 134 -10.99 18.39 -11.55
CA LYS A 134 -9.89 19.34 -11.60
C LYS A 134 -8.64 18.79 -10.89
N ILE A 135 -8.85 18.11 -9.77
CA ILE A 135 -7.73 17.54 -9.03
C ILE A 135 -7.10 16.41 -9.83
N ILE A 136 -7.94 15.54 -10.39
CA ILE A 136 -7.44 14.42 -11.17
C ILE A 136 -6.69 14.94 -12.41
N GLU A 137 -7.23 15.98 -13.04
CA GLU A 137 -6.58 16.53 -14.22
C GLU A 137 -5.19 17.07 -13.88
N LYS A 138 -5.05 17.68 -12.71
CA LYS A 138 -3.74 18.20 -12.31
C LYS A 138 -2.77 17.05 -12.05
N ALA A 139 -3.28 15.96 -11.47
CA ALA A 139 -2.44 14.80 -11.21
C ALA A 139 -1.96 14.24 -12.55
N CYS A 140 -2.82 14.31 -13.55
CA CYS A 140 -2.47 13.83 -14.89
C CYS A 140 -1.43 14.75 -15.52
N GLU A 141 -1.48 16.03 -15.19
CA GLU A 141 -0.53 16.99 -15.72
C GLU A 141 0.85 16.65 -15.16
N ILE A 142 0.88 16.28 -13.89
CA ILE A 142 2.12 15.89 -13.23
C ILE A 142 2.63 14.59 -13.84
N ALA A 143 1.71 13.67 -14.15
CA ALA A 143 2.10 12.39 -14.75
C ALA A 143 2.66 12.63 -16.14
N ASP A 144 2.05 13.55 -16.90
CA ASP A 144 2.54 13.87 -18.24
C ASP A 144 3.96 14.38 -18.16
N LYS A 145 4.23 15.25 -17.20
CA LYS A 145 5.57 15.81 -17.03
C LYS A 145 6.56 14.71 -16.69
N ALA A 146 6.12 13.73 -15.91
CA ALA A 146 6.98 12.62 -15.52
C ALA A 146 7.32 11.76 -16.72
N VAL A 147 6.33 11.48 -17.56
CA VAL A 147 6.57 10.66 -18.74
C VAL A 147 7.55 11.35 -19.69
N MET A 148 7.37 12.67 -19.87
CA MET A 148 8.27 13.41 -20.77
C MET A 148 9.68 13.39 -20.21
N ALA A 149 9.81 13.48 -18.89
CA ALA A 149 11.12 13.45 -18.25
C ALA A 149 11.73 12.07 -18.42
N ALA A 150 10.90 11.03 -18.34
CA ALA A 150 11.39 9.66 -18.49
C ALA A 150 11.96 9.45 -19.89
N ILE A 151 11.24 9.93 -20.88
CA ILE A 151 11.66 9.80 -22.27
C ILE A 151 13.01 10.45 -22.50
N GLU A 152 13.20 11.62 -21.90
CA GLU A 152 14.45 12.36 -22.03
C GLU A 152 15.60 11.67 -21.29
N GLU A 153 15.28 11.01 -20.19
CA GLU A 153 16.27 10.32 -19.36
C GLU A 153 16.66 8.94 -19.89
N ILE A 154 15.76 8.32 -20.64
CA ILE A 154 16.02 6.99 -21.18
C ILE A 154 16.98 6.99 -22.35
N THR A 155 18.10 6.30 -22.16
CA THR A 155 19.14 6.17 -23.19
C THR A 155 19.86 4.86 -22.91
N GLU A 156 20.57 4.33 -23.92
CA GLU A 156 21.29 3.09 -23.75
C GLU A 156 22.25 3.22 -22.56
N GLY A 157 22.29 2.19 -21.72
CA GLY A 157 23.18 2.21 -20.57
C GLY A 157 22.51 2.55 -19.26
N LYS A 158 21.41 3.30 -19.33
CA LYS A 158 20.68 3.71 -18.12
C LYS A 158 19.99 2.52 -17.44
N LYS A 159 19.98 2.54 -16.11
CA LYS A 159 19.33 1.49 -15.34
C LYS A 159 17.86 1.87 -15.17
N GLU A 160 16.96 0.93 -15.42
CA GLU A 160 15.51 1.19 -15.31
C GLU A 160 15.14 1.85 -13.99
N ARG A 161 15.61 1.27 -12.89
CA ARG A 161 15.31 1.80 -11.56
C ARG A 161 15.78 3.24 -11.36
N GLU A 162 16.90 3.60 -11.98
CA GLU A 162 17.41 4.95 -11.84
C GLU A 162 16.52 5.95 -12.56
N VAL A 163 15.96 5.52 -13.69
CA VAL A 163 15.05 6.37 -14.44
C VAL A 163 13.82 6.58 -13.58
N ALA A 164 13.34 5.49 -12.98
CA ALA A 164 12.17 5.56 -12.11
C ALA A 164 12.42 6.52 -10.95
N ALA A 165 13.60 6.40 -10.34
CA ALA A 165 13.93 7.27 -9.22
C ALA A 165 13.89 8.74 -9.61
N LYS A 166 14.43 9.06 -10.78
CA LYS A 166 14.45 10.44 -11.25
C LYS A 166 13.06 11.04 -11.49
N VAL A 167 12.18 10.28 -12.14
CA VAL A 167 10.85 10.82 -12.42
C VAL A 167 9.95 10.84 -11.19
N GLU A 168 10.20 9.96 -10.23
CA GLU A 168 9.39 9.95 -9.02
C GLU A 168 9.79 11.17 -8.19
N TYR A 169 11.06 11.56 -8.26
CA TYR A 169 11.53 12.74 -7.56
C TYR A 169 10.89 13.95 -8.21
N LEU A 170 10.85 13.97 -9.54
CA LEU A 170 10.25 15.08 -10.26
C LEU A 170 8.78 15.25 -9.90
N MET A 171 8.05 14.14 -9.80
CA MET A 171 6.63 14.21 -9.46
C MET A 171 6.43 14.84 -8.08
N LYS A 172 7.25 14.43 -7.13
CA LYS A 172 7.15 14.96 -5.77
C LYS A 172 7.47 16.45 -5.73
N MET A 173 8.48 16.86 -6.49
CA MET A 173 8.86 18.27 -6.51
C MET A 173 7.84 19.11 -7.26
N ASN A 174 6.92 18.45 -7.95
CA ASN A 174 5.88 19.15 -8.69
C ASN A 174 4.55 19.13 -7.94
N GLY A 175 4.59 18.71 -6.68
CA GLY A 175 3.39 18.70 -5.86
C GLY A 175 2.77 17.37 -5.49
N ALA A 176 3.18 16.29 -6.15
CA ALA A 176 2.62 14.99 -5.83
C ALA A 176 3.03 14.50 -4.44
N GLU A 177 2.10 13.83 -3.76
CA GLU A 177 2.39 13.29 -2.43
C GLU A 177 3.44 12.19 -2.60
N LYS A 178 3.25 11.41 -3.66
CA LYS A 178 4.14 10.30 -3.99
C LYS A 178 3.60 9.65 -5.26
N PRO A 179 4.28 8.62 -5.78
CA PRO A 179 3.79 7.97 -7.01
C PRO A 179 2.47 7.26 -6.70
N ALA A 180 1.58 7.18 -7.69
CA ALA A 180 0.29 6.53 -7.48
C ALA A 180 0.46 5.02 -7.33
N PHE A 181 1.58 4.50 -7.83
CA PHE A 181 1.90 3.09 -7.76
C PHE A 181 3.35 2.92 -8.17
N ASP A 182 3.92 1.74 -7.93
CA ASP A 182 5.32 1.48 -8.28
C ASP A 182 5.56 1.70 -9.78
N THR A 183 6.41 2.67 -10.09
CA THR A 183 6.72 3.03 -11.47
C THR A 183 7.25 1.88 -12.30
N ILE A 184 6.65 1.72 -13.48
CA ILE A 184 7.06 0.68 -14.41
C ILE A 184 7.91 1.27 -15.53
N ILE A 185 9.15 0.79 -15.61
CA ILE A 185 10.08 1.17 -16.67
C ILE A 185 10.56 -0.20 -17.11
N ALA A 186 9.91 -0.76 -18.12
CA ALA A 186 10.22 -2.11 -18.61
C ALA A 186 10.82 -2.07 -20.01
N SER A 187 12.11 -2.41 -20.09
CA SER A 187 12.84 -2.38 -21.36
C SER A 187 13.19 -3.75 -21.91
N GLY A 188 13.28 -3.83 -23.24
CA GLY A 188 13.63 -5.08 -23.89
C GLY A 188 12.64 -6.18 -23.56
N TYR A 189 13.17 -7.36 -23.22
CA TYR A 189 12.31 -8.49 -22.89
C TYR A 189 11.37 -8.16 -21.73
N ARG A 190 11.73 -7.19 -20.89
CA ARG A 190 10.88 -6.83 -19.76
C ARG A 190 9.62 -6.10 -20.19
N SER A 191 9.63 -5.50 -21.37
CA SER A 191 8.43 -4.80 -21.84
C SER A 191 7.28 -5.79 -22.09
N ALA A 192 7.60 -7.08 -22.08
CA ALA A 192 6.61 -8.14 -22.28
C ALA A 192 5.90 -8.48 -20.96
N LEU A 193 6.35 -7.86 -19.88
CA LEU A 193 5.75 -8.08 -18.56
C LEU A 193 4.84 -6.88 -18.30
N PRO A 194 3.52 -7.07 -18.34
CA PRO A 194 2.61 -5.95 -18.12
C PRO A 194 2.95 -5.12 -16.88
N HIS A 195 3.27 -5.79 -15.77
CA HIS A 195 3.61 -5.09 -14.54
C HIS A 195 5.11 -5.16 -14.22
N GLY A 196 5.94 -4.97 -15.24
CA GLY A 196 7.38 -5.02 -15.05
C GLY A 196 7.95 -3.80 -14.35
N VAL A 197 7.75 -3.72 -13.04
CA VAL A 197 8.26 -2.59 -12.26
C VAL A 197 9.75 -2.38 -12.55
N ALA A 198 10.16 -1.12 -12.60
CA ALA A 198 11.56 -0.77 -12.90
C ALA A 198 12.53 -1.66 -12.11
N SER A 199 13.53 -2.19 -12.80
CA SER A 199 14.51 -3.07 -12.17
C SER A 199 15.95 -2.62 -12.38
N ASP A 200 16.90 -3.49 -12.03
CA ASP A 200 18.31 -3.17 -12.19
C ASP A 200 18.81 -3.35 -13.62
N LYS A 201 17.95 -3.89 -14.48
CA LYS A 201 18.32 -4.10 -15.88
C LYS A 201 18.70 -2.78 -16.52
N ARG A 202 19.74 -2.79 -17.36
CA ARG A 202 20.15 -1.59 -18.04
C ARG A 202 19.53 -1.58 -19.43
N ILE A 203 19.06 -0.40 -19.85
CA ILE A 203 18.44 -0.23 -21.14
C ILE A 203 19.45 -0.33 -22.28
N GLU A 204 19.06 -0.99 -23.37
CA GLU A 204 19.96 -1.16 -24.52
C GLU A 204 19.34 -0.53 -25.76
N ARG A 205 20.18 -0.14 -26.72
CA ARG A 205 19.66 0.45 -27.95
C ARG A 205 18.85 -0.61 -28.68
N GLY A 206 17.71 -0.21 -29.23
CA GLY A 206 16.84 -1.13 -29.93
C GLY A 206 15.76 -1.68 -29.02
N ASP A 207 15.83 -1.29 -27.75
CA ASP A 207 14.86 -1.74 -26.74
C ASP A 207 13.52 -1.04 -26.82
N LEU A 208 12.44 -1.81 -26.67
CA LEU A 208 11.11 -1.23 -26.57
C LEU A 208 11.11 -0.91 -25.08
N VAL A 209 10.55 0.24 -24.68
CA VAL A 209 10.51 0.59 -23.27
C VAL A 209 9.11 1.06 -22.91
N VAL A 210 8.46 0.33 -22.01
CA VAL A 210 7.12 0.68 -21.56
C VAL A 210 7.28 1.52 -20.30
N ILE A 211 6.64 2.68 -20.29
CA ILE A 211 6.69 3.61 -19.16
C ILE A 211 5.27 3.79 -18.62
N ASP A 212 4.99 3.19 -17.46
CA ASP A 212 3.67 3.26 -16.84
C ASP A 212 3.87 3.88 -15.46
N LEU A 213 3.29 5.04 -15.22
CA LEU A 213 3.44 5.73 -13.95
C LEU A 213 2.23 6.57 -13.64
N GLY A 214 2.20 7.13 -12.43
CA GLY A 214 1.08 7.96 -12.06
C GLY A 214 1.42 8.75 -10.80
N ALA A 215 0.68 9.82 -10.56
CA ALA A 215 0.92 10.62 -9.38
C ALA A 215 -0.29 10.66 -8.47
N LEU A 216 -0.04 10.63 -7.17
CA LEU A 216 -1.10 10.75 -6.18
C LEU A 216 -0.96 12.23 -5.84
N TYR A 217 -2.00 13.00 -6.11
CA TYR A 217 -1.97 14.45 -5.88
C TYR A 217 -3.23 14.88 -5.15
N GLN A 218 -3.03 15.47 -3.97
CA GLN A 218 -4.15 15.94 -3.17
C GLN A 218 -5.26 14.89 -3.08
N HIS A 219 -4.84 13.67 -2.77
CA HIS A 219 -5.72 12.51 -2.57
C HIS A 219 -6.23 11.78 -3.81
N TYR A 220 -6.07 12.37 -4.99
CA TYR A 220 -6.53 11.72 -6.21
C TYR A 220 -5.38 11.20 -7.06
N ASN A 221 -5.70 10.23 -7.91
CA ASN A 221 -4.69 9.58 -8.76
C ASN A 221 -4.73 9.89 -10.25
N SER A 222 -3.63 9.53 -10.91
CA SER A 222 -3.49 9.69 -12.35
C SER A 222 -2.80 8.41 -12.82
N ASP A 223 -2.90 8.10 -14.11
CA ASP A 223 -2.33 6.86 -14.63
C ASP A 223 -2.06 7.05 -16.12
N ILE A 224 -0.83 6.78 -16.54
CA ILE A 224 -0.46 6.93 -17.94
C ILE A 224 0.62 5.95 -18.36
N THR A 225 0.56 5.49 -19.62
CA THR A 225 1.57 4.58 -20.15
C THR A 225 1.93 5.00 -21.57
N ARG A 226 3.22 5.11 -21.83
CA ARG A 226 3.69 5.43 -23.18
C ARG A 226 4.80 4.43 -23.46
N THR A 227 4.91 4.01 -24.71
CA THR A 227 5.96 3.07 -25.08
C THR A 227 6.81 3.75 -26.14
N ILE A 228 8.12 3.60 -26.00
CA ILE A 228 9.07 4.19 -26.95
C ILE A 228 10.07 3.11 -27.34
N VAL A 229 10.96 3.46 -28.27
CA VAL A 229 12.02 2.55 -28.69
C VAL A 229 13.30 3.35 -28.64
N VAL A 230 14.35 2.76 -28.09
CA VAL A 230 15.63 3.43 -28.00
C VAL A 230 16.33 3.19 -29.34
N GLY A 231 16.37 4.23 -30.16
CA GLY A 231 16.98 4.11 -31.47
C GLY A 231 15.90 3.89 -32.49
N SER A 232 16.20 3.12 -33.54
CA SER A 232 15.23 2.84 -34.58
C SER A 232 14.54 1.51 -34.33
N PRO A 233 13.20 1.47 -34.47
CA PRO A 233 12.48 0.22 -34.24
C PRO A 233 12.53 -0.69 -35.45
N ASN A 234 12.53 -1.99 -35.23
CA ASN A 234 12.54 -2.92 -36.35
C ASN A 234 11.09 -3.08 -36.81
N GLU A 235 10.89 -3.75 -37.93
CA GLU A 235 9.55 -3.93 -38.48
C GLU A 235 8.55 -4.63 -37.57
N LYS A 236 9.00 -5.61 -36.80
CA LYS A 236 8.09 -6.33 -35.93
C LYS A 236 7.65 -5.52 -34.72
N GLN A 237 8.54 -4.64 -34.25
CA GLN A 237 8.21 -3.78 -33.11
C GLN A 237 7.21 -2.75 -33.60
N LYS A 238 7.47 -2.19 -34.78
CA LYS A 238 6.58 -1.20 -35.36
C LYS A 238 5.19 -1.77 -35.57
N GLU A 239 5.13 -3.04 -35.98
CA GLU A 239 3.86 -3.70 -36.22
C GLU A 239 2.96 -3.74 -34.99
N ILE A 240 3.45 -4.32 -33.91
CA ILE A 240 2.64 -4.40 -32.70
C ILE A 240 2.31 -3.01 -32.16
N TYR A 241 3.25 -2.08 -32.27
CA TYR A 241 3.03 -0.72 -31.81
C TYR A 241 1.86 -0.07 -32.55
N GLU A 242 1.86 -0.19 -33.87
CA GLU A 242 0.79 0.41 -34.69
C GLU A 242 -0.56 -0.18 -34.35
N ILE A 243 -0.58 -1.47 -34.03
CA ILE A 243 -1.82 -2.16 -33.66
C ILE A 243 -2.37 -1.66 -32.33
N VAL A 244 -1.50 -1.54 -31.33
CA VAL A 244 -1.93 -1.06 -30.02
C VAL A 244 -2.41 0.40 -30.15
N LEU A 245 -1.68 1.20 -30.92
CA LEU A 245 -2.03 2.60 -31.12
C LEU A 245 -3.42 2.72 -31.76
N GLU A 246 -3.66 1.89 -32.77
CA GLU A 246 -4.94 1.90 -33.46
C GLU A 246 -6.08 1.53 -32.51
N ALA A 247 -5.87 0.47 -31.73
CA ALA A 247 -6.87 0.01 -30.78
C ALA A 247 -7.14 1.04 -29.70
N GLN A 248 -6.08 1.66 -29.18
CA GLN A 248 -6.24 2.66 -28.13
C GLN A 248 -7.00 3.88 -28.65
N LYS A 249 -6.62 4.35 -29.82
CA LYS A 249 -7.28 5.51 -30.41
C LYS A 249 -8.77 5.24 -30.66
N LYS A 250 -9.07 4.07 -31.21
CA LYS A 250 -10.45 3.71 -31.51
C LYS A 250 -11.28 3.62 -30.23
N ALA A 251 -10.71 3.01 -29.19
CA ALA A 251 -11.41 2.87 -27.92
C ALA A 251 -11.71 4.24 -27.31
N VAL A 252 -10.71 5.13 -27.30
CA VAL A 252 -10.92 6.46 -26.75
C VAL A 252 -12.03 7.18 -27.52
N GLU A 253 -11.99 7.08 -28.84
CA GLU A 253 -12.99 7.72 -29.69
C GLU A 253 -14.39 7.13 -29.50
N SER A 254 -14.45 5.89 -29.04
CA SER A 254 -15.72 5.19 -28.82
C SER A 254 -16.29 5.38 -27.42
N ALA A 255 -15.46 5.85 -26.50
CA ALA A 255 -15.89 6.07 -25.12
C ALA A 255 -16.90 7.20 -25.02
N LYS A 256 -18.10 6.88 -24.57
CA LYS A 256 -19.17 7.85 -24.42
C LYS A 256 -20.27 7.27 -23.55
N PRO A 257 -21.15 8.12 -23.00
CA PRO A 257 -22.24 7.63 -22.15
C PRO A 257 -23.14 6.66 -22.93
N GLY A 258 -23.65 5.64 -22.26
CA GLY A 258 -24.54 4.71 -22.94
C GLY A 258 -23.94 3.36 -23.29
N ILE A 259 -22.64 3.34 -23.56
CA ILE A 259 -21.97 2.08 -23.91
C ILE A 259 -21.58 1.39 -22.60
N THR A 260 -21.57 0.07 -22.60
CA THR A 260 -21.19 -0.66 -21.39
C THR A 260 -19.68 -0.84 -21.40
N ALA A 261 -19.12 -1.11 -20.22
CA ALA A 261 -17.68 -1.31 -20.10
C ALA A 261 -17.25 -2.48 -21.00
N LYS A 262 -18.07 -3.52 -21.03
CA LYS A 262 -17.78 -4.70 -21.84
C LYS A 262 -17.75 -4.35 -23.33
N GLU A 263 -18.71 -3.54 -23.79
CA GLU A 263 -18.75 -3.15 -25.20
C GLU A 263 -17.53 -2.31 -25.55
N LEU A 264 -17.08 -1.48 -24.62
CA LEU A 264 -15.90 -0.65 -24.87
C LEU A 264 -14.65 -1.53 -24.93
N ASP A 265 -14.55 -2.48 -24.00
CA ASP A 265 -13.40 -3.39 -23.99
C ASP A 265 -13.35 -4.14 -25.33
N SER A 266 -14.52 -4.52 -25.84
CA SER A 266 -14.61 -5.25 -27.09
C SER A 266 -14.11 -4.46 -28.30
N ILE A 267 -14.27 -3.15 -28.27
CA ILE A 267 -13.81 -2.32 -29.38
C ILE A 267 -12.31 -2.51 -29.59
N ALA A 268 -11.56 -2.39 -28.50
CA ALA A 268 -10.11 -2.55 -28.57
C ALA A 268 -9.70 -4.00 -28.76
N ARG A 269 -10.37 -4.89 -28.03
CA ARG A 269 -10.03 -6.32 -28.09
C ARG A 269 -10.29 -6.93 -29.46
N ASN A 270 -11.38 -6.55 -30.10
CA ASN A 270 -11.69 -7.09 -31.43
C ASN A 270 -10.67 -6.66 -32.47
N ILE A 271 -10.16 -5.42 -32.34
CA ILE A 271 -9.16 -4.91 -33.26
C ILE A 271 -7.88 -5.73 -33.14
N ILE A 272 -7.42 -5.92 -31.91
CA ILE A 272 -6.21 -6.69 -31.66
C ILE A 272 -6.39 -8.16 -32.05
N ALA A 273 -7.58 -8.70 -31.81
CA ALA A 273 -7.85 -10.10 -32.14
C ALA A 273 -7.87 -10.31 -33.65
N GLU A 274 -8.37 -9.32 -34.39
CA GLU A 274 -8.42 -9.42 -35.85
C GLU A 274 -7.04 -9.55 -36.46
N TYR A 275 -6.05 -8.94 -35.80
CA TYR A 275 -4.68 -9.03 -36.28
C TYR A 275 -4.02 -10.33 -35.83
N GLY A 276 -4.74 -11.11 -35.04
CA GLY A 276 -4.22 -12.39 -34.57
C GLY A 276 -3.41 -12.34 -33.29
N TYR A 277 -3.47 -11.20 -32.60
CA TYR A 277 -2.72 -11.01 -31.35
C TYR A 277 -3.61 -11.08 -30.10
N GLY A 278 -4.82 -11.58 -30.26
CA GLY A 278 -5.75 -11.66 -29.13
C GLY A 278 -5.22 -12.34 -27.87
N GLU A 279 -4.48 -13.43 -28.06
CA GLU A 279 -3.94 -14.18 -26.94
C GLU A 279 -2.88 -13.38 -26.17
N TYR A 280 -2.34 -12.35 -26.80
CA TYR A 280 -1.29 -11.54 -26.19
C TYR A 280 -1.74 -10.23 -25.54
N PHE A 281 -3.06 -9.97 -25.56
CA PHE A 281 -3.66 -8.80 -24.93
C PHE A 281 -4.29 -9.50 -23.72
N ASN A 282 -3.47 -9.78 -22.71
CA ASN A 282 -3.89 -10.54 -21.53
C ASN A 282 -4.42 -9.82 -20.29
N HIS A 283 -5.04 -8.66 -20.48
CA HIS A 283 -5.61 -7.94 -19.35
C HIS A 283 -6.79 -7.10 -19.84
N SER A 284 -7.54 -6.54 -18.92
CA SER A 284 -8.69 -5.72 -19.27
C SER A 284 -8.24 -4.44 -19.97
N LEU A 285 -9.18 -3.80 -20.68
CA LEU A 285 -8.85 -2.57 -21.39
C LEU A 285 -8.56 -1.42 -20.44
N GLY A 286 -9.19 -1.42 -19.26
CA GLY A 286 -8.94 -0.34 -18.33
C GLY A 286 -9.63 -0.45 -16.99
N HIS A 287 -9.51 0.62 -16.21
CA HIS A 287 -10.08 0.65 -14.87
C HIS A 287 -10.42 2.09 -14.48
N GLY A 288 -11.34 2.23 -13.53
CA GLY A 288 -11.70 3.56 -13.08
C GLY A 288 -10.55 4.11 -12.25
N VAL A 289 -10.50 5.44 -12.12
CA VAL A 289 -9.46 6.11 -11.36
C VAL A 289 -10.10 7.20 -10.50
N GLY A 290 -9.61 7.35 -9.28
CA GLY A 290 -10.14 8.36 -8.38
C GLY A 290 -9.32 8.41 -7.12
N LEU A 291 -9.95 8.21 -5.96
CA LEU A 291 -9.23 8.20 -4.70
C LEU A 291 -8.27 7.02 -4.67
N GLU A 292 -8.53 6.02 -5.53
CA GLU A 292 -7.68 4.85 -5.67
C GLU A 292 -7.29 4.74 -7.14
N VAL A 293 -6.11 4.20 -7.45
CA VAL A 293 -5.71 4.08 -8.84
C VAL A 293 -6.55 3.04 -9.58
N HIS A 294 -7.03 2.04 -8.84
CA HIS A 294 -7.89 1.01 -9.42
C HIS A 294 -9.26 1.05 -8.73
N GLU A 295 -10.27 1.53 -9.42
CA GLU A 295 -11.62 1.57 -8.86
C GLU A 295 -12.68 1.38 -9.93
N TRP A 296 -13.95 1.58 -9.57
CA TRP A 296 -15.05 1.38 -10.52
C TRP A 296 -15.05 2.38 -11.68
N PRO A 297 -15.39 1.91 -12.89
CA PRO A 297 -15.74 0.52 -13.18
C PRO A 297 -14.56 -0.19 -13.80
N ARG A 298 -14.65 -1.51 -13.86
CA ARG A 298 -13.61 -2.30 -14.51
C ARG A 298 -14.00 -2.27 -15.97
N VAL A 299 -13.08 -1.85 -16.84
CA VAL A 299 -13.39 -1.81 -18.26
C VAL A 299 -12.88 -3.13 -18.82
N SER A 300 -13.75 -4.14 -18.77
CA SER A 300 -13.38 -5.48 -19.21
C SER A 300 -14.57 -6.23 -19.79
N GLN A 301 -14.30 -7.45 -20.24
CA GLN A 301 -15.31 -8.32 -20.80
C GLN A 301 -16.27 -8.84 -19.73
N TYR A 302 -15.93 -8.63 -18.46
CA TYR A 302 -16.76 -9.12 -17.37
C TYR A 302 -17.45 -8.05 -16.53
N ASP A 303 -17.62 -6.86 -17.11
CA ASP A 303 -18.28 -5.77 -16.40
C ASP A 303 -19.32 -5.14 -17.33
N GLU A 304 -20.58 -5.12 -16.87
CA GLU A 304 -21.69 -4.60 -17.67
C GLU A 304 -22.08 -3.16 -17.32
N THR A 305 -21.23 -2.47 -16.55
CA THR A 305 -21.53 -1.09 -16.17
C THR A 305 -21.72 -0.19 -17.38
N VAL A 306 -22.80 0.58 -17.38
CA VAL A 306 -23.06 1.50 -18.46
C VAL A 306 -22.30 2.78 -18.14
N LEU A 307 -21.48 3.23 -19.08
CA LEU A 307 -20.71 4.45 -18.85
C LEU A 307 -21.61 5.66 -18.78
N ARG A 308 -21.27 6.59 -17.89
CA ARG A 308 -22.04 7.81 -17.71
C ARG A 308 -21.10 9.01 -17.58
N GLU A 309 -21.64 10.18 -17.90
CA GLU A 309 -20.91 11.43 -17.82
C GLU A 309 -20.36 11.58 -16.40
N GLY A 310 -19.08 11.91 -16.29
CA GLY A 310 -18.47 12.08 -14.99
C GLY A 310 -17.57 10.93 -14.57
N MET A 311 -17.65 9.81 -15.29
CA MET A 311 -16.80 8.69 -14.95
C MET A 311 -15.38 8.94 -15.46
N VAL A 312 -14.40 8.46 -14.72
CA VAL A 312 -13.01 8.62 -15.10
C VAL A 312 -12.43 7.22 -15.18
N ILE A 313 -11.97 6.86 -16.37
CA ILE A 313 -11.41 5.52 -16.61
C ILE A 313 -10.16 5.59 -17.45
N THR A 314 -9.40 4.49 -17.45
CA THR A 314 -8.22 4.44 -18.28
C THR A 314 -8.56 3.57 -19.50
N ILE A 315 -7.85 3.80 -20.59
CA ILE A 315 -8.00 3.03 -21.82
C ILE A 315 -6.56 2.63 -22.08
N GLU A 316 -6.25 1.36 -21.85
CA GLU A 316 -4.87 0.91 -22.00
C GLU A 316 -4.64 -0.46 -22.61
N PRO A 317 -4.92 -0.62 -23.91
CA PRO A 317 -4.71 -1.91 -24.54
C PRO A 317 -3.20 -2.17 -24.64
N GLY A 318 -2.83 -3.43 -24.79
CA GLY A 318 -1.43 -3.76 -24.91
C GLY A 318 -1.25 -5.13 -25.55
N ILE A 319 -0.04 -5.37 -26.05
CA ILE A 319 0.30 -6.66 -26.67
C ILE A 319 1.65 -7.04 -26.08
N TYR A 320 1.73 -8.23 -25.49
CA TYR A 320 2.96 -8.68 -24.86
C TYR A 320 3.40 -10.03 -25.43
N ILE A 321 4.58 -10.03 -26.04
CA ILE A 321 5.15 -11.24 -26.65
C ILE A 321 6.23 -11.78 -25.71
N PRO A 322 5.96 -12.92 -25.05
CA PRO A 322 6.81 -13.51 -24.02
C PRO A 322 8.28 -13.53 -24.43
N LYS A 323 9.12 -12.93 -23.56
CA LYS A 323 10.56 -13.05 -23.72
C LYS A 323 11.10 -12.21 -24.89
N ILE A 324 10.20 -11.45 -25.54
CA ILE A 324 10.64 -10.65 -26.67
C ILE A 324 10.40 -9.15 -26.46
N GLY A 325 9.15 -8.79 -26.16
CA GLY A 325 8.85 -7.39 -25.93
C GLY A 325 7.35 -7.13 -25.92
N GLY A 326 6.98 -5.91 -25.56
CA GLY A 326 5.57 -5.57 -25.51
C GLY A 326 5.32 -4.09 -25.69
N VAL A 327 4.07 -3.74 -25.92
CA VAL A 327 3.68 -2.35 -26.11
C VAL A 327 2.37 -2.06 -25.41
N ARG A 328 2.31 -0.95 -24.69
CA ARG A 328 1.09 -0.52 -24.01
C ARG A 328 0.99 1.00 -24.12
N ILE A 329 -0.21 1.48 -24.43
CA ILE A 329 -0.45 2.92 -24.53
C ILE A 329 -1.70 3.14 -23.68
N GLU A 330 -1.55 3.97 -22.65
CA GLU A 330 -2.62 4.25 -21.70
C GLU A 330 -2.90 5.71 -21.41
N ASP A 331 -4.18 6.07 -21.40
CA ASP A 331 -4.61 7.43 -21.08
C ASP A 331 -5.65 7.34 -19.97
N THR A 332 -5.76 8.40 -19.17
CA THR A 332 -6.81 8.47 -18.16
C THR A 332 -7.77 9.40 -18.87
N ILE A 333 -9.04 9.03 -18.95
CA ILE A 333 -10.01 9.87 -19.64
C ILE A 333 -11.25 10.14 -18.82
N LEU A 334 -11.95 11.20 -19.19
CA LEU A 334 -13.18 11.60 -18.54
C LEU A 334 -14.33 11.40 -19.53
N ILE A 335 -15.42 10.79 -19.07
CA ILE A 335 -16.57 10.59 -19.94
C ILE A 335 -17.38 11.88 -19.89
N THR A 336 -17.66 12.45 -21.06
CA THR A 336 -18.41 13.69 -21.14
C THR A 336 -19.83 13.42 -21.63
N LYS A 337 -20.62 14.49 -21.80
CA LYS A 337 -22.01 14.34 -22.23
C LYS A 337 -22.22 13.42 -23.44
N ASN A 338 -21.36 13.52 -24.44
CA ASN A 338 -21.52 12.65 -25.60
C ASN A 338 -20.19 12.25 -26.21
N GLY A 339 -19.20 12.03 -25.35
CA GLY A 339 -17.89 11.62 -25.82
C GLY A 339 -16.93 11.48 -24.65
N SER A 340 -15.68 11.90 -24.87
CA SER A 340 -14.68 11.80 -23.82
C SER A 340 -13.64 12.90 -23.93
N LYS A 341 -12.87 13.05 -22.86
CA LYS A 341 -11.80 14.04 -22.79
C LYS A 341 -10.56 13.33 -22.27
N ARG A 342 -9.43 13.50 -22.95
CA ARG A 342 -8.19 12.88 -22.50
C ARG A 342 -7.59 13.76 -21.40
N LEU A 343 -7.50 13.24 -20.18
CA LEU A 343 -6.93 14.02 -19.08
C LEU A 343 -5.41 13.98 -19.16
N THR A 344 -4.87 12.86 -19.64
CA THR A 344 -3.44 12.74 -19.85
C THR A 344 -3.30 13.18 -21.31
N LYS A 345 -2.40 14.11 -21.57
CA LYS A 345 -2.28 14.67 -22.92
C LYS A 345 -0.99 14.41 -23.71
N THR A 346 -0.06 13.67 -23.12
CA THR A 346 1.21 13.38 -23.80
C THR A 346 0.97 12.70 -25.14
N GLU A 347 1.79 13.05 -26.14
CA GLU A 347 1.67 12.45 -27.47
C GLU A 347 1.71 10.94 -27.37
N ARG A 348 0.92 10.27 -28.19
CA ARG A 348 0.87 8.81 -28.18
C ARG A 348 1.73 8.16 -29.26
N GLU A 349 1.87 8.83 -30.39
CA GLU A 349 2.67 8.30 -31.48
C GLU A 349 4.12 8.69 -31.24
N LEU A 350 4.82 7.88 -30.45
CA LEU A 350 6.21 8.16 -30.10
C LEU A 350 7.28 7.36 -30.83
N ILE A 351 6.88 6.49 -31.76
CA ILE A 351 7.86 5.72 -32.52
C ILE A 351 7.50 5.72 -34.00
N ASN B 5 7.77 -27.33 -0.49
CA ASN B 5 8.84 -26.75 0.37
C ASN B 5 8.49 -26.87 1.85
N GLU B 6 9.46 -26.56 2.71
CA GLU B 6 9.27 -26.66 4.14
C GLU B 6 8.12 -25.81 4.70
N LYS B 7 7.89 -24.65 4.09
CA LYS B 7 6.82 -23.77 4.55
C LYS B 7 5.46 -24.41 4.28
N VAL B 8 5.30 -24.98 3.10
CA VAL B 8 4.05 -25.65 2.76
C VAL B 8 3.86 -26.83 3.70
N LYS B 9 4.95 -27.52 4.01
CA LYS B 9 4.89 -28.67 4.91
C LYS B 9 4.40 -28.28 6.30
N LYS B 10 4.88 -27.16 6.83
CA LYS B 10 4.44 -26.71 8.14
C LYS B 10 2.97 -26.33 8.14
N ILE B 11 2.49 -25.80 7.02
CA ILE B 11 1.09 -25.44 6.91
C ILE B 11 0.22 -26.70 6.85
N ILE B 12 0.69 -27.71 6.12
CA ILE B 12 -0.06 -28.96 6.01
C ILE B 12 -0.17 -29.61 7.39
N GLU B 13 0.93 -29.55 8.16
CA GLU B 13 0.94 -30.12 9.50
C GLU B 13 -0.10 -29.39 10.37
N PHE B 14 -0.15 -28.07 10.24
CA PHE B 14 -1.10 -27.27 11.00
C PHE B 14 -2.53 -27.63 10.57
N MET B 15 -2.71 -27.89 9.28
CA MET B 15 -4.01 -28.24 8.75
C MET B 15 -4.49 -29.56 9.35
N ASP B 16 -3.59 -30.53 9.41
CA ASP B 16 -3.93 -31.84 9.96
C ASP B 16 -4.33 -31.75 11.42
N LYS B 17 -3.57 -31.00 12.21
CA LYS B 17 -3.87 -30.86 13.64
C LYS B 17 -5.15 -30.09 13.89
N ASN B 18 -5.53 -29.23 12.95
CA ASN B 18 -6.73 -28.41 13.12
C ASN B 18 -7.92 -28.79 12.23
N SER B 19 -7.86 -29.98 11.63
CA SER B 19 -8.93 -30.47 10.77
C SER B 19 -9.33 -29.50 9.66
N ILE B 20 -8.34 -28.93 9.00
CA ILE B 20 -8.58 -28.00 7.89
C ILE B 20 -8.33 -28.76 6.59
N ASP B 21 -9.28 -28.67 5.67
CA ASP B 21 -9.19 -29.37 4.39
C ASP B 21 -8.26 -28.72 3.38
N ALA B 22 -8.21 -27.39 3.42
CA ALA B 22 -7.35 -26.64 2.51
C ALA B 22 -7.09 -25.26 3.07
N VAL B 23 -5.99 -24.65 2.65
CA VAL B 23 -5.62 -23.32 3.10
C VAL B 23 -5.47 -22.39 1.91
N LEU B 24 -6.01 -21.18 2.05
CA LEU B 24 -5.92 -20.16 1.03
C LEU B 24 -5.05 -19.01 1.54
N ILE B 25 -4.01 -18.67 0.78
CA ILE B 25 -3.11 -17.58 1.15
C ILE B 25 -3.28 -16.52 0.07
N ALA B 26 -3.63 -15.31 0.47
CA ALA B 26 -3.87 -14.23 -0.50
C ALA B 26 -3.12 -12.93 -0.26
N LYS B 27 -2.61 -12.71 0.96
CA LYS B 27 -1.91 -11.46 1.24
C LYS B 27 -0.54 -11.47 0.56
N ASN B 28 -0.23 -10.41 -0.16
CA ASN B 28 1.02 -10.28 -0.90
C ASN B 28 2.29 -10.80 -0.21
N PRO B 29 2.59 -10.31 1.00
CA PRO B 29 3.81 -10.79 1.66
C PRO B 29 3.82 -12.30 1.92
N ASN B 30 2.65 -12.86 2.24
CA ASN B 30 2.57 -14.29 2.52
C ASN B 30 2.67 -15.12 1.24
N VAL B 31 2.14 -14.61 0.14
CA VAL B 31 2.22 -15.30 -1.13
C VAL B 31 3.69 -15.36 -1.55
N TYR B 32 4.40 -14.27 -1.34
CA TYR B 32 5.81 -14.22 -1.68
C TYR B 32 6.62 -15.13 -0.76
N TYR B 33 6.30 -15.06 0.53
CA TYR B 33 7.01 -15.86 1.54
C TYR B 33 6.98 -17.34 1.19
N ILE B 34 5.81 -17.82 0.78
CA ILE B 34 5.63 -19.23 0.45
C ILE B 34 6.08 -19.66 -0.93
N SER B 35 5.71 -18.90 -1.96
CA SER B 35 6.05 -19.24 -3.34
C SER B 35 7.25 -18.57 -3.97
N GLY B 36 7.64 -17.41 -3.45
CA GLY B 36 8.78 -16.72 -4.03
C GLY B 36 8.33 -15.81 -5.16
N ALA B 37 7.02 -15.83 -5.44
CA ALA B 37 6.44 -14.99 -6.49
C ALA B 37 5.70 -13.81 -5.85
N SER B 38 5.61 -12.70 -6.56
CA SER B 38 4.94 -11.53 -6.01
C SER B 38 4.08 -10.81 -7.04
N PRO B 39 2.94 -11.42 -7.42
CA PRO B 39 2.04 -10.80 -8.40
C PRO B 39 1.39 -9.56 -7.80
N LEU B 40 1.65 -8.41 -8.42
CA LEU B 40 1.09 -7.13 -7.97
C LEU B 40 -0.42 -7.23 -7.93
N ALA B 41 -1.00 -7.82 -8.98
CA ALA B 41 -2.44 -8.01 -9.04
C ALA B 41 -2.78 -9.10 -8.02
N GLY B 42 -3.98 -9.66 -8.09
CA GLY B 42 -4.36 -10.69 -7.14
C GLY B 42 -3.82 -12.10 -7.36
N GLY B 43 -2.99 -12.57 -6.43
CA GLY B 43 -2.44 -13.92 -6.51
C GLY B 43 -2.92 -14.75 -5.33
N TYR B 44 -3.22 -16.02 -5.56
CA TYR B 44 -3.72 -16.89 -4.48
C TYR B 44 -3.07 -18.26 -4.44
N ILE B 45 -2.64 -18.67 -3.25
CA ILE B 45 -2.03 -19.98 -3.10
C ILE B 45 -3.06 -20.89 -2.42
N LEU B 46 -3.29 -22.06 -3.01
CA LEU B 46 -4.21 -23.03 -2.44
C LEU B 46 -3.37 -24.24 -2.01
N ILE B 47 -3.38 -24.54 -0.72
CA ILE B 47 -2.63 -25.67 -0.21
C ILE B 47 -3.58 -26.75 0.26
N THR B 48 -3.39 -27.96 -0.26
CA THR B 48 -4.24 -29.08 0.12
C THR B 48 -3.35 -30.05 0.90
N GLY B 49 -3.90 -31.20 1.25
CA GLY B 49 -3.13 -32.18 1.99
C GLY B 49 -1.91 -32.72 1.28
N GLU B 50 -1.83 -32.54 -0.04
CA GLU B 50 -0.69 -33.05 -0.79
C GLU B 50 -0.23 -32.17 -1.95
N SER B 51 -0.66 -30.91 -1.97
CA SER B 51 -0.24 -30.03 -3.05
C SER B 51 -0.38 -28.56 -2.70
N ALA B 52 0.36 -27.73 -3.42
CA ALA B 52 0.35 -26.29 -3.25
C ALA B 52 0.39 -25.72 -4.65
N THR B 53 -0.57 -24.86 -4.97
CA THR B 53 -0.65 -24.27 -6.30
C THR B 53 -0.88 -22.76 -6.21
N LEU B 54 -0.16 -22.01 -7.05
CA LEU B 54 -0.32 -20.57 -7.08
C LEU B 54 -1.20 -20.19 -8.26
N TYR B 55 -2.29 -19.50 -7.98
CA TYR B 55 -3.21 -19.06 -9.04
C TYR B 55 -3.03 -17.57 -9.26
N VAL B 56 -2.82 -17.17 -10.51
CA VAL B 56 -2.65 -15.76 -10.82
C VAL B 56 -3.40 -15.36 -12.07
N PRO B 57 -3.80 -14.08 -12.16
CA PRO B 57 -4.52 -13.62 -13.35
C PRO B 57 -3.51 -13.66 -14.50
N GLU B 58 -3.99 -13.83 -15.73
CA GLU B 58 -3.10 -13.93 -16.88
C GLU B 58 -1.97 -12.90 -17.01
N LEU B 59 -2.26 -11.65 -16.68
CA LEU B 59 -1.24 -10.60 -16.83
C LEU B 59 -0.03 -10.77 -15.92
N GLU B 60 -0.14 -11.65 -14.92
CA GLU B 60 0.95 -11.89 -13.98
C GLU B 60 1.58 -13.27 -14.18
N TYR B 61 1.05 -14.03 -15.13
CA TYR B 61 1.53 -15.38 -15.39
C TYR B 61 3.01 -15.50 -15.77
N GLU B 62 3.44 -14.75 -16.78
CA GLU B 62 4.83 -14.83 -17.21
C GLU B 62 5.80 -14.56 -16.07
N MET B 63 5.53 -13.53 -15.27
CA MET B 63 6.40 -13.18 -14.15
C MET B 63 6.34 -14.27 -13.07
N ALA B 64 5.13 -14.71 -12.73
CA ALA B 64 4.94 -15.74 -11.71
C ALA B 64 5.54 -17.08 -12.10
N LYS B 65 5.39 -17.44 -13.37
CA LYS B 65 5.92 -18.71 -13.86
C LYS B 65 7.43 -18.80 -13.70
N GLU B 66 8.11 -17.66 -13.76
CA GLU B 66 9.56 -17.62 -13.64
C GLU B 66 10.09 -17.37 -12.23
N GLU B 67 9.21 -16.99 -11.30
CA GLU B 67 9.66 -16.71 -9.94
C GLU B 67 9.10 -17.66 -8.88
N SER B 68 8.01 -18.36 -9.21
CA SER B 68 7.39 -19.27 -8.26
C SER B 68 8.13 -20.60 -8.08
N ASN B 69 8.17 -21.09 -6.85
CA ASN B 69 8.82 -22.37 -6.56
C ASN B 69 7.78 -23.48 -6.49
N ILE B 70 6.51 -23.11 -6.69
CA ILE B 70 5.43 -24.09 -6.70
C ILE B 70 4.69 -23.94 -8.03
N PRO B 71 3.96 -24.98 -8.44
CA PRO B 71 3.20 -24.95 -9.71
C PRO B 71 2.33 -23.70 -9.83
N VAL B 72 2.29 -23.12 -11.03
CA VAL B 72 1.48 -21.93 -11.28
C VAL B 72 0.35 -22.21 -12.26
N GLU B 73 -0.82 -21.67 -11.95
CA GLU B 73 -2.00 -21.81 -12.81
C GLU B 73 -2.53 -20.40 -13.05
N LYS B 74 -2.94 -20.12 -14.28
CA LYS B 74 -3.48 -18.80 -14.59
C LYS B 74 -4.98 -18.90 -14.83
N PHE B 75 -5.68 -17.78 -14.63
CA PHE B 75 -7.12 -17.76 -14.84
C PHE B 75 -7.52 -16.44 -15.49
N LYS B 76 -8.62 -16.47 -16.24
CA LYS B 76 -9.13 -15.28 -16.91
C LYS B 76 -10.14 -14.55 -16.04
N LYS B 77 -10.97 -15.33 -15.35
CA LYS B 77 -11.99 -14.77 -14.47
C LYS B 77 -12.04 -15.52 -13.14
N MET B 78 -12.31 -14.80 -12.06
CA MET B 78 -12.36 -15.37 -10.72
C MET B 78 -13.20 -16.64 -10.61
N ASP B 79 -14.19 -16.79 -11.48
CA ASP B 79 -15.05 -17.97 -11.45
C ASP B 79 -14.27 -19.26 -11.60
N GLU B 80 -13.19 -19.22 -12.39
CA GLU B 80 -12.36 -20.40 -12.60
C GLU B 80 -11.69 -20.77 -11.29
N PHE B 81 -11.27 -19.76 -10.54
CA PHE B 81 -10.61 -19.98 -9.26
C PHE B 81 -11.52 -20.66 -8.25
N TYR B 82 -12.72 -20.11 -8.08
CA TYR B 82 -13.69 -20.69 -7.16
C TYR B 82 -14.01 -22.12 -7.53
N LYS B 83 -14.06 -22.39 -8.83
CA LYS B 83 -14.35 -23.74 -9.32
C LYS B 83 -13.28 -24.69 -8.81
N ALA B 84 -12.05 -24.19 -8.69
CA ALA B 84 -10.95 -25.01 -8.21
C ALA B 84 -11.08 -25.28 -6.71
N LEU B 85 -11.92 -24.49 -6.04
CA LEU B 85 -12.12 -24.63 -4.60
C LEU B 85 -13.35 -25.44 -4.20
N GLU B 86 -14.32 -25.56 -5.12
CA GLU B 86 -15.53 -26.32 -4.81
C GLU B 86 -15.18 -27.70 -4.28
N GLY B 87 -15.84 -28.10 -3.19
CA GLY B 87 -15.57 -29.40 -2.60
C GLY B 87 -14.93 -29.28 -1.23
N ILE B 88 -14.21 -28.18 -1.02
CA ILE B 88 -13.54 -27.94 0.26
C ILE B 88 -14.61 -27.58 1.29
N LYS B 89 -14.54 -28.22 2.45
CA LYS B 89 -15.52 -27.96 3.51
C LYS B 89 -14.99 -26.96 4.53
N SER B 90 -13.79 -27.20 5.04
CA SER B 90 -13.17 -26.32 6.03
C SER B 90 -11.97 -25.65 5.40
N LEU B 91 -12.03 -24.32 5.27
CA LEU B 91 -10.96 -23.56 4.64
C LEU B 91 -10.17 -22.68 5.62
N GLY B 92 -8.86 -22.84 5.63
CA GLY B 92 -8.02 -22.03 6.48
C GLY B 92 -7.73 -20.73 5.76
N ILE B 93 -7.91 -19.60 6.44
CA ILE B 93 -7.69 -18.31 5.82
C ILE B 93 -6.94 -17.34 6.74
N GLU B 94 -6.42 -16.28 6.15
CA GLU B 94 -5.70 -15.23 6.87
C GLU B 94 -6.77 -14.33 7.46
N SER B 95 -6.50 -13.72 8.61
CA SER B 95 -7.48 -12.83 9.22
C SER B 95 -7.69 -11.58 8.37
N SER B 96 -6.79 -11.35 7.42
CA SER B 96 -6.87 -10.18 6.54
C SER B 96 -7.77 -10.35 5.33
N LEU B 97 -8.29 -11.55 5.12
CA LEU B 97 -9.15 -11.81 3.96
C LEU B 97 -10.40 -10.94 4.03
N PRO B 98 -10.67 -10.16 2.96
CA PRO B 98 -11.84 -9.27 2.91
C PRO B 98 -13.22 -9.93 2.78
N TYR B 99 -14.21 -9.24 3.35
CA TYR B 99 -15.60 -9.67 3.36
C TYR B 99 -16.13 -10.08 1.98
N GLY B 100 -15.95 -9.23 0.99
CA GLY B 100 -16.43 -9.53 -0.35
C GLY B 100 -15.93 -10.85 -0.87
N PHE B 101 -14.66 -11.14 -0.63
CA PHE B 101 -14.05 -12.38 -1.09
C PHE B 101 -14.62 -13.57 -0.34
N ILE B 102 -14.75 -13.44 0.97
CA ILE B 102 -15.29 -14.50 1.80
C ILE B 102 -16.72 -14.85 1.38
N GLU B 103 -17.52 -13.83 1.07
CA GLU B 103 -18.89 -14.08 0.66
C GLU B 103 -18.92 -14.80 -0.68
N GLU B 104 -17.98 -14.49 -1.57
CA GLU B 104 -17.92 -15.15 -2.86
C GLU B 104 -17.52 -16.61 -2.68
N LEU B 105 -16.66 -16.86 -1.70
CA LEU B 105 -16.22 -18.22 -1.42
C LEU B 105 -17.39 -19.06 -0.92
N LYS B 106 -18.24 -18.47 -0.09
CA LYS B 106 -19.39 -19.17 0.45
C LYS B 106 -20.37 -19.51 -0.68
N LYS B 107 -20.69 -18.50 -1.48
CA LYS B 107 -21.64 -18.65 -2.57
C LYS B 107 -21.16 -19.48 -3.77
N LYS B 108 -19.94 -19.20 -4.25
CA LYS B 108 -19.41 -19.89 -5.42
C LYS B 108 -18.58 -21.15 -5.16
N ALA B 109 -17.94 -21.24 -4.00
CA ALA B 109 -17.14 -22.42 -3.69
C ALA B 109 -17.83 -23.31 -2.67
N ASN B 110 -18.93 -22.81 -2.11
CA ASN B 110 -19.70 -23.56 -1.12
C ASN B 110 -18.90 -23.94 0.13
N ILE B 111 -18.00 -23.05 0.56
CA ILE B 111 -17.19 -23.33 1.73
C ILE B 111 -18.11 -23.40 2.96
N LYS B 112 -17.94 -24.47 3.76
CA LYS B 112 -18.77 -24.67 4.93
C LYS B 112 -18.24 -24.09 6.24
N GLU B 113 -16.92 -23.94 6.33
CA GLU B 113 -16.31 -23.41 7.55
C GLU B 113 -14.99 -22.70 7.26
N PHE B 114 -14.72 -21.63 8.02
CA PHE B 114 -13.48 -20.90 7.87
C PHE B 114 -12.73 -20.94 9.20
N LYS B 115 -11.41 -21.12 9.14
CA LYS B 115 -10.55 -21.16 10.32
C LYS B 115 -9.31 -20.32 10.06
N LYS B 116 -8.86 -19.57 11.07
CA LYS B 116 -7.68 -18.72 10.93
C LYS B 116 -6.39 -19.53 10.93
N VAL B 117 -5.47 -19.18 10.04
CA VAL B 117 -4.18 -19.86 9.96
C VAL B 117 -3.06 -18.90 10.34
N ASP B 118 -3.43 -17.72 10.83
CA ASP B 118 -2.46 -16.71 11.23
C ASP B 118 -1.34 -17.25 12.11
N ASP B 119 -1.67 -18.12 13.05
CA ASP B 119 -0.68 -18.68 13.96
C ASP B 119 0.52 -19.34 13.26
N VAL B 120 0.26 -20.17 12.27
CA VAL B 120 1.36 -20.85 11.59
C VAL B 120 2.17 -19.88 10.72
N ILE B 121 1.49 -18.89 10.16
CA ILE B 121 2.19 -17.90 9.33
C ILE B 121 3.11 -17.09 10.23
N ARG B 122 2.58 -16.66 11.37
CA ARG B 122 3.33 -15.88 12.35
C ARG B 122 4.55 -16.68 12.83
N ASP B 123 4.30 -17.91 13.28
CA ASP B 123 5.37 -18.75 13.79
C ASP B 123 6.54 -18.92 12.82
N MET B 124 6.25 -18.87 11.51
CA MET B 124 7.30 -19.00 10.53
C MET B 124 8.02 -17.66 10.27
N ARG B 125 7.25 -16.65 9.92
CA ARG B 125 7.83 -15.34 9.61
C ARG B 125 8.53 -14.63 10.77
N ILE B 126 8.12 -14.92 12.00
CA ILE B 126 8.72 -14.26 13.16
C ILE B 126 10.21 -14.60 13.36
N ILE B 127 10.64 -15.74 12.85
CA ILE B 127 12.05 -16.12 12.96
C ILE B 127 12.70 -16.01 11.59
N LYS B 128 13.62 -15.06 11.45
CA LYS B 128 14.29 -14.84 10.17
C LYS B 128 15.43 -15.82 9.90
N SER B 129 15.52 -16.27 8.65
CA SER B 129 16.57 -17.19 8.23
C SER B 129 17.83 -16.36 8.00
N GLU B 130 18.97 -17.02 7.90
CA GLU B 130 20.24 -16.34 7.66
C GLU B 130 20.15 -15.47 6.41
N LYS B 131 19.50 -16.00 5.36
CA LYS B 131 19.35 -15.29 4.11
C LYS B 131 18.50 -14.02 4.28
N GLU B 132 17.39 -14.15 5.01
CA GLU B 132 16.52 -13.00 5.24
C GLU B 132 17.25 -11.92 6.02
N ILE B 133 18.02 -12.34 7.01
CA ILE B 133 18.77 -11.39 7.84
C ILE B 133 19.74 -10.56 7.00
N LYS B 134 20.40 -11.20 6.04
CA LYS B 134 21.35 -10.51 5.17
C LYS B 134 20.66 -9.47 4.30
N ILE B 135 19.44 -9.77 3.85
CA ILE B 135 18.71 -8.83 3.02
C ILE B 135 18.27 -7.65 3.89
N ILE B 136 17.77 -7.95 5.08
CA ILE B 136 17.33 -6.91 6.00
C ILE B 136 18.50 -6.01 6.38
N GLU B 137 19.68 -6.59 6.59
CA GLU B 137 20.83 -5.79 6.96
C GLU B 137 21.23 -4.84 5.83
N LYS B 138 21.08 -5.30 4.59
CA LYS B 138 21.42 -4.46 3.44
C LYS B 138 20.40 -3.31 3.38
N ALA B 139 19.14 -3.61 3.66
CA ALA B 139 18.11 -2.57 3.64
C ALA B 139 18.44 -1.53 4.71
N CYS B 140 18.92 -2.00 5.85
CA CYS B 140 19.28 -1.09 6.95
C CYS B 140 20.46 -0.21 6.56
N GLU B 141 21.41 -0.79 5.82
CA GLU B 141 22.58 -0.06 5.37
C GLU B 141 22.14 1.09 4.47
N ILE B 142 21.14 0.82 3.63
CA ILE B 142 20.62 1.85 2.73
C ILE B 142 19.91 2.93 3.54
N ALA B 143 19.17 2.51 4.56
CA ALA B 143 18.46 3.45 5.43
C ALA B 143 19.47 4.34 6.18
N ASP B 144 20.57 3.75 6.63
CA ASP B 144 21.59 4.53 7.32
C ASP B 144 22.12 5.62 6.41
N LYS B 145 22.38 5.26 5.15
CA LYS B 145 22.88 6.24 4.19
C LYS B 145 21.85 7.35 3.96
N ALA B 146 20.58 6.99 3.96
CA ALA B 146 19.52 7.96 3.75
C ALA B 146 19.43 8.95 4.92
N VAL B 147 19.64 8.45 6.14
CA VAL B 147 19.59 9.34 7.30
C VAL B 147 20.73 10.35 7.26
N MET B 148 21.91 9.90 6.90
CA MET B 148 23.06 10.81 6.83
C MET B 148 22.82 11.85 5.74
N ALA B 149 22.21 11.42 4.64
CA ALA B 149 21.92 12.34 3.54
C ALA B 149 20.88 13.37 3.98
N ALA B 150 19.91 12.91 4.79
CA ALA B 150 18.87 13.80 5.29
C ALA B 150 19.48 14.90 6.16
N ILE B 151 20.42 14.50 7.01
CA ILE B 151 21.08 15.45 7.90
C ILE B 151 21.81 16.52 7.08
N GLU B 152 22.49 16.07 6.02
CA GLU B 152 23.23 16.98 5.14
C GLU B 152 22.27 17.95 4.45
N GLU B 153 21.13 17.44 3.99
CA GLU B 153 20.13 18.24 3.28
C GLU B 153 19.41 19.26 4.17
N ILE B 154 19.25 18.94 5.45
CA ILE B 154 18.56 19.83 6.37
C ILE B 154 19.28 21.16 6.56
N THR B 155 18.53 22.25 6.37
CA THR B 155 19.04 23.59 6.53
C THR B 155 17.84 24.53 6.72
N GLU B 156 18.09 25.66 7.37
CA GLU B 156 17.03 26.62 7.64
C GLU B 156 16.36 27.06 6.34
N GLY B 157 15.03 27.04 6.33
CA GLY B 157 14.30 27.47 5.15
C GLY B 157 13.86 26.39 4.17
N LYS B 158 14.46 25.21 4.26
CA LYS B 158 14.09 24.12 3.36
C LYS B 158 12.82 23.39 3.81
N LYS B 159 11.98 23.04 2.85
CA LYS B 159 10.75 22.32 3.16
C LYS B 159 11.07 20.89 3.57
N GLU B 160 10.36 20.37 4.57
CA GLU B 160 10.58 19.01 5.04
C GLU B 160 10.41 18.03 3.87
N ARG B 161 9.42 18.29 3.03
CA ARG B 161 9.14 17.44 1.88
C ARG B 161 10.27 17.37 0.86
N GLU B 162 11.06 18.44 0.76
CA GLU B 162 12.17 18.44 -0.19
C GLU B 162 13.26 17.52 0.33
N VAL B 163 13.46 17.53 1.64
CA VAL B 163 14.45 16.65 2.25
C VAL B 163 14.01 15.22 2.01
N ALA B 164 12.73 14.94 2.27
CA ALA B 164 12.19 13.60 2.06
C ALA B 164 12.35 13.12 0.63
N ALA B 165 11.99 13.97 -0.34
CA ALA B 165 12.12 13.58 -1.73
C ALA B 165 13.57 13.26 -2.09
N LYS B 166 14.50 14.08 -1.59
CA LYS B 166 15.91 13.87 -1.88
C LYS B 166 16.43 12.55 -1.34
N VAL B 167 16.08 12.21 -0.10
CA VAL B 167 16.57 10.96 0.46
C VAL B 167 15.86 9.73 -0.10
N GLU B 168 14.61 9.88 -0.54
CA GLU B 168 13.91 8.73 -1.11
C GLU B 168 14.55 8.43 -2.46
N TYR B 169 15.00 9.49 -3.14
CA TYR B 169 15.68 9.34 -4.42
C TYR B 169 16.97 8.57 -4.18
N LEU B 170 17.73 8.99 -3.17
CA LEU B 170 18.99 8.34 -2.84
C LEU B 170 18.80 6.86 -2.53
N MET B 171 17.75 6.52 -1.78
CA MET B 171 17.51 5.12 -1.45
C MET B 171 17.27 4.28 -2.70
N LYS B 172 16.49 4.80 -3.64
CA LYS B 172 16.18 4.07 -4.86
C LYS B 172 17.44 3.95 -5.74
N MET B 173 18.28 4.98 -5.72
CA MET B 173 19.51 4.95 -6.50
C MET B 173 20.46 3.91 -5.90
N ASN B 174 20.20 3.53 -4.64
CA ASN B 174 21.02 2.54 -3.97
C ASN B 174 20.42 1.13 -4.05
N GLY B 175 19.37 0.98 -4.85
CA GLY B 175 18.77 -0.33 -5.02
C GLY B 175 17.43 -0.61 -4.38
N ALA B 176 16.94 0.32 -3.56
CA ALA B 176 15.65 0.11 -2.91
C ALA B 176 14.54 0.20 -3.93
N GLU B 177 13.47 -0.57 -3.70
CA GLU B 177 12.31 -0.57 -4.58
C GLU B 177 11.55 0.73 -4.38
N LYS B 178 11.52 1.19 -3.13
CA LYS B 178 10.82 2.40 -2.74
C LYS B 178 10.97 2.54 -1.22
N PRO B 179 10.45 3.63 -0.63
CA PRO B 179 10.58 3.77 0.82
C PRO B 179 9.72 2.69 1.49
N ALA B 180 10.12 2.24 2.67
CA ALA B 180 9.36 1.21 3.38
C ALA B 180 8.03 1.77 3.84
N PHE B 181 7.99 3.08 4.04
CA PHE B 181 6.79 3.78 4.47
C PHE B 181 6.96 5.26 4.20
N ASP B 182 5.90 6.04 4.33
CA ASP B 182 5.99 7.47 4.06
C ASP B 182 7.01 8.11 4.99
N THR B 183 8.05 8.66 4.38
CA THR B 183 9.14 9.29 5.12
C THR B 183 8.70 10.40 6.06
N ILE B 184 9.22 10.34 7.27
CA ILE B 184 8.93 11.32 8.29
C ILE B 184 10.11 12.28 8.46
N ILE B 185 9.87 13.56 8.17
CA ILE B 185 10.86 14.61 8.39
C ILE B 185 9.96 15.61 9.13
N ALA B 186 10.01 15.55 10.45
CA ALA B 186 9.14 16.38 11.29
C ALA B 186 9.93 17.40 12.10
N SER B 187 9.78 18.67 11.76
CA SER B 187 10.54 19.73 12.43
C SER B 187 9.72 20.64 13.35
N GLY B 188 10.37 21.14 14.39
CA GLY B 188 9.71 22.05 15.31
C GLY B 188 8.50 21.43 15.99
N TYR B 189 7.37 22.13 15.98
CA TYR B 189 6.18 21.59 16.63
C TYR B 189 5.78 20.25 16.04
N ARG B 190 6.10 20.02 14.77
CA ARG B 190 5.74 18.77 14.12
C ARG B 190 6.52 17.56 14.67
N SER B 191 7.66 17.81 15.29
CA SER B 191 8.45 16.71 15.84
C SER B 191 7.74 16.08 17.04
N ALA B 192 6.71 16.74 17.56
CA ALA B 192 5.96 16.21 18.69
C ALA B 192 4.70 15.49 18.20
N LEU B 193 4.47 15.49 16.90
CA LEU B 193 3.28 14.87 16.33
C LEU B 193 3.31 13.34 16.25
N PRO B 194 2.14 12.70 16.28
CA PRO B 194 2.04 11.24 16.20
C PRO B 194 2.76 10.61 15.01
N HIS B 195 2.42 11.03 13.80
CA HIS B 195 3.05 10.50 12.59
C HIS B 195 3.40 11.66 11.65
N GLY B 196 4.43 12.41 12.02
CA GLY B 196 4.83 13.57 11.23
C GLY B 196 5.37 13.41 9.82
N VAL B 197 4.60 12.81 8.93
CA VAL B 197 5.02 12.64 7.55
C VAL B 197 5.50 14.00 7.02
N ALA B 198 6.63 14.00 6.30
CA ALA B 198 7.21 15.24 5.75
C ALA B 198 6.13 16.12 5.10
N SER B 199 6.14 17.40 5.46
CA SER B 199 5.14 18.33 4.93
C SER B 199 5.77 19.53 4.22
N ASP B 200 4.95 20.53 3.90
CA ASP B 200 5.42 21.73 3.24
C ASP B 200 6.04 22.70 4.24
N LYS B 201 5.98 22.37 5.52
CA LYS B 201 6.55 23.23 6.55
C LYS B 201 8.05 23.43 6.31
N ARG B 202 8.53 24.65 6.50
CA ARG B 202 9.95 24.93 6.33
C ARG B 202 10.68 24.77 7.65
N ILE B 203 11.86 24.17 7.60
CA ILE B 203 12.67 23.94 8.78
C ILE B 203 13.18 25.28 9.31
N GLU B 204 13.14 25.44 10.62
CA GLU B 204 13.57 26.69 11.24
C GLU B 204 14.68 26.49 12.24
N ARG B 205 15.42 27.56 12.50
CA ARG B 205 16.52 27.52 13.45
C ARG B 205 15.97 27.14 14.82
N GLY B 206 16.68 26.25 15.52
CA GLY B 206 16.23 25.83 16.83
C GLY B 206 15.27 24.66 16.81
N ASP B 207 14.89 24.23 15.61
CA ASP B 207 13.96 23.11 15.45
C ASP B 207 14.56 21.75 15.76
N LEU B 208 13.81 20.92 16.48
CA LEU B 208 14.23 19.55 16.68
C LEU B 208 13.71 18.96 15.36
N VAL B 209 14.41 18.01 14.77
CA VAL B 209 13.93 17.41 13.53
C VAL B 209 14.01 15.89 13.65
N VAL B 210 12.85 15.24 13.61
CA VAL B 210 12.77 13.79 13.70
C VAL B 210 12.83 13.25 12.28
N ILE B 211 13.74 12.31 12.05
CA ILE B 211 13.95 11.71 10.75
C ILE B 211 13.68 10.22 10.91
N ASP B 212 12.52 9.76 10.42
CA ASP B 212 12.12 8.37 10.52
C ASP B 212 11.88 7.87 9.09
N LEU B 213 12.67 6.91 8.66
CA LEU B 213 12.56 6.40 7.31
C LEU B 213 12.99 4.93 7.23
N GLY B 214 12.80 4.34 6.07
CA GLY B 214 13.18 2.96 5.89
C GLY B 214 13.21 2.62 4.41
N ALA B 215 13.92 1.56 4.07
CA ALA B 215 13.97 1.14 2.69
C ALA B 215 13.37 -0.24 2.49
N LEU B 216 12.69 -0.41 1.36
CA LEU B 216 12.12 -1.70 1.01
C LEU B 216 13.17 -2.18 0.00
N TYR B 217 13.88 -3.24 0.35
CA TYR B 217 14.94 -3.77 -0.51
C TYR B 217 14.76 -5.27 -0.72
N GLN B 218 14.59 -5.66 -1.98
CA GLN B 218 14.40 -7.07 -2.32
C GLN B 218 13.38 -7.72 -1.39
N HIS B 219 12.22 -7.07 -1.28
CA HIS B 219 11.09 -7.55 -0.49
C HIS B 219 11.17 -7.37 1.03
N TYR B 220 12.33 -7.01 1.55
CA TYR B 220 12.45 -6.82 2.99
C TYR B 220 12.62 -5.37 3.41
N ASN B 221 12.15 -5.07 4.62
CA ASN B 221 12.17 -3.71 5.14
C ASN B 221 13.23 -3.38 6.18
N SER B 222 13.41 -2.08 6.38
CA SER B 222 14.33 -1.52 7.37
C SER B 222 13.57 -0.37 8.02
N ASP B 223 14.02 0.08 9.18
CA ASP B 223 13.33 1.15 9.89
C ASP B 223 14.31 1.83 10.83
N ILE B 224 14.42 3.15 10.71
CA ILE B 224 15.35 3.89 11.57
C ILE B 224 14.86 5.30 11.84
N THR B 225 15.14 5.79 13.06
CA THR B 225 14.78 7.14 13.44
C THR B 225 15.94 7.80 14.17
N ARG B 226 16.28 9.01 13.76
CA ARG B 226 17.32 9.78 14.43
C ARG B 226 16.73 11.17 14.55
N THR B 227 17.09 11.86 15.63
CA THR B 227 16.61 13.22 15.83
C THR B 227 17.82 14.14 15.95
N ILE B 228 17.74 15.29 15.29
CA ILE B 228 18.82 16.27 15.35
C ILE B 228 18.19 17.61 15.72
N VAL B 229 19.02 18.64 15.86
CA VAL B 229 18.50 19.96 16.16
C VAL B 229 19.23 20.94 15.25
N VAL B 230 18.50 21.94 14.76
CA VAL B 230 19.09 22.93 13.88
C VAL B 230 19.70 24.02 14.75
N GLY B 231 21.02 24.10 14.75
CA GLY B 231 21.69 25.08 15.60
C GLY B 231 21.98 24.48 16.96
N SER B 232 21.61 25.19 18.02
CA SER B 232 21.84 24.70 19.38
C SER B 232 20.51 24.32 20.04
N PRO B 233 20.51 23.25 20.84
CA PRO B 233 19.27 22.86 21.50
C PRO B 233 19.07 23.67 22.77
N ASN B 234 17.82 23.86 23.19
CA ASN B 234 17.57 24.59 24.42
C ASN B 234 17.56 23.52 25.52
N GLU B 235 17.44 23.94 26.77
CA GLU B 235 17.46 23.02 27.90
C GLU B 235 16.43 21.89 27.88
N LYS B 236 15.21 22.20 27.45
CA LYS B 236 14.16 21.20 27.41
C LYS B 236 14.41 20.16 26.32
N GLN B 237 14.83 20.64 25.15
CA GLN B 237 15.13 19.74 24.04
C GLN B 237 16.28 18.81 24.42
N LYS B 238 17.33 19.36 25.03
CA LYS B 238 18.46 18.54 25.41
C LYS B 238 18.06 17.49 26.44
N GLU B 239 17.22 17.89 27.40
CA GLU B 239 16.77 16.98 28.45
C GLU B 239 15.99 15.78 27.91
N ILE B 240 14.98 16.02 27.10
CA ILE B 240 14.22 14.87 26.60
C ILE B 240 15.07 14.01 25.68
N TYR B 241 16.02 14.62 24.98
CA TYR B 241 16.90 13.84 24.11
C TYR B 241 17.78 12.92 24.94
N GLU B 242 18.35 13.43 26.02
CA GLU B 242 19.22 12.62 26.87
C GLU B 242 18.47 11.43 27.46
N ILE B 243 17.21 11.64 27.85
CA ILE B 243 16.40 10.58 28.44
C ILE B 243 16.06 9.50 27.40
N VAL B 244 15.65 9.92 26.20
CA VAL B 244 15.32 8.97 25.15
C VAL B 244 16.57 8.15 24.78
N LEU B 245 17.70 8.82 24.68
CA LEU B 245 18.94 8.15 24.33
C LEU B 245 19.27 7.08 25.38
N GLU B 246 19.13 7.45 26.65
CA GLU B 246 19.40 6.51 27.74
C GLU B 246 18.48 5.30 27.69
N ALA B 247 17.20 5.57 27.47
CA ALA B 247 16.19 4.50 27.42
C ALA B 247 16.40 3.58 26.23
N GLN B 248 16.72 4.16 25.08
CA GLN B 248 16.93 3.38 23.87
C GLN B 248 18.13 2.47 24.03
N LYS B 249 19.23 3.01 24.55
CA LYS B 249 20.44 2.22 24.74
C LYS B 249 20.25 1.07 25.72
N LYS B 250 19.61 1.35 26.86
CA LYS B 250 19.39 0.32 27.87
C LYS B 250 18.51 -0.80 27.32
N ALA B 251 17.48 -0.43 26.56
CA ALA B 251 16.59 -1.43 25.99
C ALA B 251 17.34 -2.31 24.99
N VAL B 252 18.17 -1.70 24.15
CA VAL B 252 18.92 -2.47 23.16
C VAL B 252 19.86 -3.43 23.87
N GLU B 253 20.55 -2.93 24.90
CA GLU B 253 21.49 -3.75 25.65
C GLU B 253 20.81 -4.88 26.40
N SER B 254 19.52 -4.73 26.70
CA SER B 254 18.77 -5.73 27.43
C SER B 254 18.11 -6.79 26.53
N ALA B 255 18.00 -6.50 25.24
CA ALA B 255 17.38 -7.43 24.30
C ALA B 255 18.18 -8.71 24.17
N LYS B 256 17.51 -9.84 24.38
CA LYS B 256 18.14 -11.15 24.28
C LYS B 256 17.07 -12.24 24.27
N PRO B 257 17.43 -13.45 23.83
CA PRO B 257 16.44 -14.52 23.81
C PRO B 257 15.97 -14.87 25.22
N GLY B 258 14.72 -15.27 25.38
CA GLY B 258 14.23 -15.66 26.68
C GLY B 258 13.35 -14.68 27.43
N ILE B 259 13.54 -13.39 27.19
CA ILE B 259 12.73 -12.38 27.87
C ILE B 259 11.53 -12.04 27.02
N THR B 260 10.48 -11.54 27.66
CA THR B 260 9.26 -11.18 26.94
C THR B 260 9.39 -9.80 26.27
N ALA B 261 8.58 -9.59 25.24
CA ALA B 261 8.59 -8.32 24.54
C ALA B 261 8.17 -7.24 25.54
N LYS B 262 7.23 -7.58 26.41
CA LYS B 262 6.73 -6.67 27.43
C LYS B 262 7.83 -6.25 28.39
N GLU B 263 8.67 -7.20 28.78
CA GLU B 263 9.76 -6.91 29.71
C GLU B 263 10.68 -5.87 29.07
N LEU B 264 10.93 -6.04 27.77
CA LEU B 264 11.79 -5.12 27.05
C LEU B 264 11.16 -3.72 27.01
N ASP B 265 9.86 -3.66 26.72
CA ASP B 265 9.16 -2.38 26.67
C ASP B 265 9.25 -1.69 28.03
N SER B 266 9.12 -2.49 29.10
CA SER B 266 9.18 -1.94 30.46
C SER B 266 10.51 -1.29 30.80
N ILE B 267 11.60 -1.85 30.27
CA ILE B 267 12.93 -1.31 30.53
C ILE B 267 13.00 0.15 30.10
N ALA B 268 12.63 0.42 28.85
CA ALA B 268 12.66 1.78 28.34
C ALA B 268 11.58 2.65 28.97
N ARG B 269 10.38 2.10 29.10
CA ARG B 269 9.26 2.86 29.65
C ARG B 269 9.47 3.28 31.11
N ASN B 270 10.05 2.40 31.92
CA ASN B 270 10.26 2.74 33.32
C ASN B 270 11.30 3.85 33.46
N ILE B 271 12.28 3.87 32.57
CA ILE B 271 13.31 4.90 32.61
C ILE B 271 12.68 6.25 32.33
N ILE B 272 11.86 6.31 31.29
CA ILE B 272 11.20 7.54 30.92
C ILE B 272 10.19 7.97 31.99
N ALA B 273 9.51 7.00 32.58
CA ALA B 273 8.52 7.30 33.62
C ALA B 273 9.18 7.86 34.88
N GLU B 274 10.32 7.28 35.26
CA GLU B 274 11.03 7.74 36.45
C GLU B 274 11.52 9.18 36.32
N TYR B 275 11.79 9.62 35.08
CA TYR B 275 12.23 10.98 34.86
C TYR B 275 11.02 11.92 34.83
N GLY B 276 9.82 11.35 34.89
CA GLY B 276 8.60 12.14 34.89
C GLY B 276 7.99 12.46 33.54
N TYR B 277 8.37 11.70 32.52
CA TYR B 277 7.86 11.94 31.17
C TYR B 277 6.99 10.79 30.65
N GLY B 278 6.53 9.95 31.57
CA GLY B 278 5.71 8.81 31.18
C GLY B 278 4.50 9.11 30.30
N GLU B 279 3.81 10.20 30.58
CA GLU B 279 2.62 10.57 29.81
C GLU B 279 2.94 11.12 28.42
N TYR B 280 4.23 11.28 28.13
CA TYR B 280 4.64 11.82 26.84
C TYR B 280 5.28 10.76 25.94
N PHE B 281 5.33 9.52 26.41
CA PHE B 281 5.85 8.39 25.63
C PHE B 281 4.57 7.61 25.35
N ASN B 282 3.86 8.08 24.33
CA ASN B 282 2.55 7.56 23.93
C ASN B 282 2.42 6.43 22.92
N HIS B 283 3.46 5.63 22.73
CA HIS B 283 3.36 4.51 21.80
C HIS B 283 4.19 3.35 22.31
N SER B 284 4.10 2.21 21.62
CA SER B 284 4.86 1.02 22.01
C SER B 284 6.35 1.24 21.78
N LEU B 285 7.17 0.43 22.44
CA LEU B 285 8.62 0.55 22.27
C LEU B 285 9.08 0.14 20.88
N GLY B 286 8.37 -0.78 20.26
CA GLY B 286 8.78 -1.21 18.94
C GLY B 286 7.90 -2.24 18.29
N HIS B 287 8.38 -2.77 17.16
CA HIS B 287 7.63 -3.74 16.38
C HIS B 287 8.56 -4.62 15.57
N GLY B 288 8.06 -5.78 15.17
CA GLY B 288 8.86 -6.65 14.34
C GLY B 288 8.98 -6.07 12.95
N VAL B 289 10.02 -6.47 12.23
CA VAL B 289 10.25 -6.00 10.87
C VAL B 289 10.62 -7.19 9.98
N GLY B 290 10.11 -7.20 8.76
CA GLY B 290 10.41 -8.29 7.83
C GLY B 290 9.85 -7.98 6.46
N LEU B 291 8.95 -8.83 5.98
CA LEU B 291 8.34 -8.61 4.68
C LEU B 291 7.39 -7.42 4.78
N GLU B 292 7.06 -7.05 6.02
CA GLU B 292 6.21 -5.90 6.31
C GLU B 292 6.95 -5.02 7.31
N VAL B 293 6.69 -3.72 7.23
CA VAL B 293 7.32 -2.75 8.14
C VAL B 293 6.89 -3.00 9.57
N HIS B 294 5.62 -3.39 9.73
CA HIS B 294 5.08 -3.67 11.05
C HIS B 294 4.59 -5.10 11.13
N GLU B 295 5.34 -5.93 11.85
CA GLU B 295 4.94 -7.32 12.03
C GLU B 295 5.28 -7.82 13.44
N TRP B 296 5.26 -9.15 13.61
CA TRP B 296 5.52 -9.76 14.90
C TRP B 296 6.98 -9.74 15.34
N PRO B 297 7.22 -9.53 16.65
CA PRO B 297 6.19 -9.34 17.67
C PRO B 297 6.04 -7.85 17.93
N ARG B 298 5.01 -7.49 18.68
CA ARG B 298 4.81 -6.10 19.05
C ARG B 298 5.58 -5.95 20.36
N VAL B 299 6.45 -4.94 20.44
CA VAL B 299 7.21 -4.73 21.66
C VAL B 299 6.46 -3.68 22.46
N SER B 300 5.55 -4.13 23.31
CA SER B 300 4.73 -3.23 24.11
C SER B 300 4.33 -3.88 25.43
N GLN B 301 3.55 -3.13 26.21
CA GLN B 301 3.09 -3.61 27.50
C GLN B 301 1.98 -4.65 27.36
N TYR B 302 1.51 -4.86 26.13
CA TYR B 302 0.42 -5.80 25.89
C TYR B 302 0.80 -7.08 25.15
N ASP B 303 2.09 -7.23 24.83
CA ASP B 303 2.56 -8.42 24.12
C ASP B 303 3.69 -9.06 24.92
N GLU B 304 3.45 -10.28 25.42
CA GLU B 304 4.48 -10.97 26.20
C GLU B 304 5.16 -12.09 25.40
N THR B 305 5.25 -11.90 24.10
CA THR B 305 5.91 -12.88 23.25
C THR B 305 7.34 -13.06 23.74
N VAL B 306 7.77 -14.29 23.90
CA VAL B 306 9.14 -14.54 24.35
C VAL B 306 10.07 -14.36 23.16
N LEU B 307 11.09 -13.51 23.34
CA LEU B 307 12.05 -13.27 22.27
C LEU B 307 12.91 -14.51 22.01
N ARG B 308 13.21 -14.75 20.74
CA ARG B 308 14.03 -15.88 20.35
C ARG B 308 15.03 -15.45 19.30
N GLU B 309 16.12 -16.19 19.18
CA GLU B 309 17.15 -15.90 18.20
C GLU B 309 16.51 -15.89 16.81
N GLY B 310 16.86 -14.89 15.99
CA GLY B 310 16.30 -14.82 14.66
C GLY B 310 15.21 -13.76 14.50
N MET B 311 14.70 -13.26 15.63
CA MET B 311 13.67 -12.23 15.55
C MET B 311 14.32 -10.89 15.19
N VAL B 312 13.58 -10.06 14.47
CA VAL B 312 14.07 -8.74 14.07
C VAL B 312 13.01 -7.76 14.56
N ILE B 313 13.41 -6.85 15.42
CA ILE B 313 12.48 -5.88 16.00
C ILE B 313 13.11 -4.50 16.07
N THR B 314 12.28 -3.48 16.24
CA THR B 314 12.81 -2.13 16.39
C THR B 314 12.70 -1.77 17.86
N ILE B 315 13.56 -0.83 18.27
CA ILE B 315 13.57 -0.31 19.65
C ILE B 315 13.53 1.19 19.39
N GLU B 316 12.38 1.79 19.62
CA GLU B 316 12.21 3.21 19.33
C GLU B 316 11.44 4.04 20.34
N PRO B 317 11.99 4.23 21.54
CA PRO B 317 11.28 5.03 22.53
C PRO B 317 11.31 6.49 22.10
N GLY B 318 10.43 7.30 22.66
CA GLY B 318 10.40 8.71 22.33
C GLY B 318 9.63 9.50 23.36
N ILE B 319 9.83 10.81 23.35
CA ILE B 319 9.14 11.73 24.25
C ILE B 319 8.65 12.86 23.35
N TYR B 320 7.35 13.14 23.43
CA TYR B 320 6.75 14.18 22.59
C TYR B 320 6.00 15.21 23.39
N ILE B 321 6.43 16.47 23.28
CA ILE B 321 5.82 17.57 24.02
C ILE B 321 5.24 18.62 23.08
N PRO B 322 3.92 18.83 23.13
CA PRO B 322 3.27 19.82 22.27
C PRO B 322 4.05 21.13 22.15
N LYS B 323 4.22 21.59 20.92
CA LYS B 323 4.92 22.83 20.60
C LYS B 323 6.44 22.77 20.76
N ILE B 324 6.90 22.30 21.92
CA ILE B 324 8.33 22.20 22.19
C ILE B 324 9.02 21.26 21.21
N GLY B 325 8.37 20.14 20.90
CA GLY B 325 8.93 19.19 19.97
C GLY B 325 9.06 17.81 20.58
N GLY B 326 9.66 16.89 19.82
CA GLY B 326 9.83 15.55 20.30
C GLY B 326 11.13 14.92 19.85
N VAL B 327 11.51 13.85 20.52
CA VAL B 327 12.72 13.12 20.20
C VAL B 327 12.42 11.62 20.16
N ARG B 328 12.88 10.97 19.11
CA ARG B 328 12.74 9.53 18.96
C ARG B 328 14.04 9.01 18.39
N ILE B 329 14.52 7.89 18.94
CA ILE B 329 15.73 7.26 18.45
C ILE B 329 15.33 5.81 18.23
N GLU B 330 15.44 5.36 17.00
CA GLU B 330 15.04 4.01 16.61
C GLU B 330 16.10 3.23 15.84
N ASP B 331 16.25 1.96 16.22
CA ASP B 331 17.17 1.05 15.55
C ASP B 331 16.40 -0.22 15.21
N THR B 332 16.81 -0.89 14.14
CA THR B 332 16.23 -2.17 13.78
C THR B 332 17.29 -3.12 14.34
N ILE B 333 16.90 -4.03 15.21
CA ILE B 333 17.88 -4.93 15.80
C ILE B 333 17.54 -6.40 15.59
N LEU B 334 18.58 -7.22 15.62
CA LEU B 334 18.44 -8.65 15.46
C LEU B 334 18.67 -9.31 16.81
N ILE B 335 17.83 -10.28 17.16
CA ILE B 335 18.01 -11.00 18.41
C ILE B 335 18.95 -12.14 18.07
N THR B 336 20.12 -12.16 18.71
CA THR B 336 21.11 -13.20 18.45
C THR B 336 21.02 -14.34 19.45
N LYS B 337 21.97 -15.28 19.35
CA LYS B 337 21.96 -16.42 20.24
C LYS B 337 22.07 -16.03 21.72
N ASN B 338 22.86 -15.00 22.02
CA ASN B 338 23.06 -14.58 23.40
C ASN B 338 22.68 -13.13 23.71
N GLY B 339 22.27 -12.38 22.69
CA GLY B 339 21.91 -11.00 22.93
C GLY B 339 21.23 -10.35 21.74
N SER B 340 21.81 -9.26 21.26
CA SER B 340 21.25 -8.55 20.11
C SER B 340 22.34 -7.89 19.28
N LYS B 341 21.96 -7.46 18.08
CA LYS B 341 22.88 -6.79 17.18
C LYS B 341 22.13 -5.66 16.48
N ARG B 342 22.69 -4.47 16.51
CA ARG B 342 22.06 -3.32 15.84
C ARG B 342 22.34 -3.45 14.35
N LEU B 343 21.27 -3.56 13.55
CA LEU B 343 21.42 -3.68 12.10
C LEU B 343 21.53 -2.29 11.48
N THR B 344 20.86 -1.32 12.09
CA THR B 344 20.97 0.07 11.65
C THR B 344 22.13 0.55 12.52
N LYS B 345 23.15 1.14 11.90
CA LYS B 345 24.34 1.52 12.65
C LYS B 345 24.68 3.00 12.76
N THR B 346 23.81 3.86 12.25
CA THR B 346 24.05 5.29 12.34
C THR B 346 24.23 5.74 13.79
N GLU B 347 25.14 6.69 14.01
CA GLU B 347 25.40 7.22 15.34
C GLU B 347 24.09 7.76 15.93
N ARG B 348 23.87 7.48 17.21
CA ARG B 348 22.65 7.94 17.89
C ARG B 348 22.79 9.25 18.66
N GLU B 349 24.00 9.53 19.13
CA GLU B 349 24.24 10.76 19.90
C GLU B 349 24.46 11.93 18.95
N LEU B 350 23.36 12.46 18.41
CA LEU B 350 23.45 13.55 17.45
C LEU B 350 23.08 14.94 17.97
N ILE B 351 22.63 15.04 19.21
CA ILE B 351 22.27 16.34 19.77
C ILE B 351 23.19 16.76 20.90
#